data_5U34
#
_entry.id   5U34
#
_cell.length_a   83.471
_cell.length_b   128.198
_cell.length_c   155.788
_cell.angle_alpha   90.00
_cell.angle_beta   90.00
_cell.angle_gamma   90.00
#
_symmetry.space_group_name_H-M   'P 21 21 21'
#
loop_
_entity.id
_entity.type
_entity.pdbx_description
1 polymer 'CRISPR-associated endonuclease C2c1'
2 polymer sgRNA
#
loop_
_entity_poly.entity_id
_entity_poly.type
_entity_poly.pdbx_seq_one_letter_code
_entity_poly.pdbx_strand_id
1 'polypeptide(L)'
;S(MSE)AVKSIKVKLRLDD(MSE)PEIRAGLWKLHKEVNAGVRYYTEWLSLLRQENLYRRSPNGDGEQECDKTAEECKAE
LLERLRARQVENGHRGPAGSDDELLQLARQLYELLVPQAIGAKGDAQQIARKFLSPLADKDAVGGLGIAKAGNKPRWVR
(MSE)REAGEPGWEEEKEKAETRKSADRTADVLRALADFGLKPL(MSE)RVYTDSE(MSE)SSVEWKPLRKGQAVRTWDR
D(MSE)FQQAIER(MSE)(MSE)SWESWNQRVGQEYAKLVEQKNRFEQKNFVGQEHLVHLVNQLQQD(MSE)KEASPGLE
SKEQTAHYVTGRALRGSDKVFEKWGKLAPDAPFDLYDAEIKNVQRRNTRRFGSHDLFAKLAEPEYQALWREDASFLTRYA
VYNSILRKLNHAK(MSE)FATFTLPDATAHPIWTRFDKLGGNLHQYTFLFNEFGERRHAIRFHKLLKVENGVAREVDDVT
VPIS(MSE)SEQLDNLLPRDPNEPIALYFRDYGAEQHFTGEFGGAKIQCRRDQLAH(MSE)HRRRGARDVYLNVSVRVQS
QSEARGERRPPYAAVFRLVGDNHRAFVHFDKLSDYLAEHPDDGKLGSEGLLSGLRV(MSE)SVDLGLRTSASISVFRVAR
KDELKPNSKGRVPFFFPIKGNDNLVAVHERSQLLKLPGETESKDLRAIREERQRTLRQLRTQLAYLRLLVRCGSEDVGRR
ERSWAKLIEQPVDAANH(MSE)TPDWREAFENELQKLKSLHGICSDKEW(MSE)DAVYESVRRVWRH(MSE)GKQVRDWR
KDVRSGERPKIRGYAKDVVGGNSIEQIEYLERQYKFLKSWSFFGKVSGQVIRAEKGSRFAITLREHIDHAKEDRLKKLAD
RII(MSE)EALGYVYALDERGKGKWVAKYPPCQLILLAELSEYQFNNDRPPSENNQL(MSE)QWSHRGVFQELINQAQVH
DLLVGT(MSE)YAAFSSRFDARTGAPGIRCRRVPARCTQEHNPEPFPWWLNKFVVEHTLDACPLRADDLIPTGEGEIFVS
PFSAEEGDFHQIHADLNAAQNLQQRLWSDFDISQIRLRCDWGEVDGELVLIPRLTGKRTADSYSNKVFYTNTGVTYYERE
RGKKRRKVFAQEKLSEEEAELLVEADEAREKSVVL(MSE)RDPSGIINRGNWTRQKEFWS(MSE)VNQRIEGYLVKQIRS
RVPLQDSACENTGDI
;
A
2 'polyribonucleotide'
;GGUCUAGAGGACAGAAUUUUUCAACGGGUGUGCCAAUGGCCACUUUCCAGGUGGCAAAGCCCGUUGAGCUUCUCAAAUCU
GAGAAGUGGCACCAGAACCGGAGGACAAAGUC
;
B
#
# COMPACT_ATOMS: atom_id res chain seq x y z
N ALA A 3 -6.62 -21.28 -7.64
CA ALA A 3 -5.55 -20.31 -7.47
C ALA A 3 -4.56 -20.44 -8.61
N VAL A 4 -4.36 -19.36 -9.35
CA VAL A 4 -3.44 -19.35 -10.49
C VAL A 4 -2.07 -18.90 -10.00
N LYS A 5 -1.02 -19.48 -10.58
CA LYS A 5 0.36 -19.09 -10.30
C LYS A 5 1.10 -18.97 -11.62
N SER A 6 1.49 -17.75 -11.97
CA SER A 6 2.22 -17.50 -13.21
C SER A 6 3.70 -17.77 -12.97
N ILE A 7 4.22 -18.83 -13.58
CA ILE A 7 5.63 -19.20 -13.46
C ILE A 7 6.33 -18.73 -14.72
N LYS A 8 7.09 -17.64 -14.59
CA LYS A 8 7.82 -17.05 -15.71
C LYS A 8 9.17 -17.74 -15.86
N VAL A 9 9.44 -18.24 -17.06
CA VAL A 9 10.66 -18.99 -17.33
C VAL A 9 11.30 -18.45 -18.62
N LYS A 10 12.57 -18.78 -18.79
CA LYS A 10 13.38 -18.26 -19.89
C LYS A 10 13.73 -19.39 -20.86
N LEU A 11 13.68 -19.07 -22.16
CA LEU A 11 14.02 -20.01 -23.22
C LEU A 11 15.47 -19.82 -23.63
N ARG A 12 16.06 -20.89 -24.16
CA ARG A 12 17.40 -20.85 -24.73
C ARG A 12 17.31 -21.16 -26.21
N LEU A 13 17.66 -20.18 -27.05
CA LEU A 13 17.57 -20.29 -28.49
C LEU A 13 18.93 -20.11 -29.16
N ASP A 14 20.00 -20.51 -28.48
CA ASP A 14 21.34 -20.28 -29.00
C ASP A 14 21.67 -21.21 -30.16
N ASP A 15 21.06 -22.40 -30.20
CA ASP A 15 21.33 -23.38 -31.23
C ASP A 15 20.35 -23.30 -32.39
N PRO A 17 18.94 -19.91 -34.41
CA PRO A 17 18.59 -18.50 -34.70
C PRO A 17 17.39 -18.36 -35.62
N GLU A 18 17.07 -19.38 -36.43
CA GLU A 18 15.93 -19.29 -37.32
C GLU A 18 14.60 -19.28 -36.59
N ILE A 19 14.59 -19.53 -35.28
CA ILE A 19 13.34 -19.61 -34.53
C ILE A 19 13.21 -18.36 -33.68
N ARG A 20 14.34 -17.85 -33.20
CA ARG A 20 14.31 -16.61 -32.42
C ARG A 20 13.87 -15.43 -33.27
N ALA A 21 14.41 -15.32 -34.49
CA ALA A 21 13.99 -14.25 -35.38
C ALA A 21 12.53 -14.40 -35.80
N GLY A 22 12.03 -15.63 -35.90
CA GLY A 22 10.61 -15.84 -36.13
C GLY A 22 9.76 -15.53 -34.92
N LEU A 23 10.35 -15.55 -33.72
CA LEU A 23 9.60 -15.23 -32.52
C LEU A 23 9.49 -13.72 -32.32
N TRP A 24 10.58 -12.99 -32.60
CA TRP A 24 10.52 -11.53 -32.55
C TRP A 24 9.61 -10.97 -33.63
N LYS A 25 9.61 -11.60 -34.82
CA LYS A 25 8.69 -11.19 -35.87
C LYS A 25 7.25 -11.48 -35.47
N LEU A 26 7.00 -12.64 -34.87
CA LEU A 26 5.67 -12.97 -34.38
C LEU A 26 5.21 -11.98 -33.31
N HIS A 27 6.15 -11.43 -32.54
CA HIS A 27 5.78 -10.40 -31.55
C HIS A 27 5.32 -9.13 -32.24
N LYS A 28 5.93 -8.78 -33.37
CA LYS A 28 5.50 -7.60 -34.12
C LYS A 28 4.22 -7.83 -34.91
N GLU A 29 3.88 -9.09 -35.21
CA GLU A 29 2.65 -9.38 -35.93
C GLU A 29 1.44 -9.16 -35.04
N VAL A 30 1.44 -9.77 -33.86
CA VAL A 30 0.27 -9.66 -32.98
C VAL A 30 0.17 -8.26 -32.38
N ASN A 31 1.30 -7.56 -32.24
CA ASN A 31 1.25 -6.19 -31.72
C ASN A 31 0.67 -5.23 -32.74
N ALA A 32 1.15 -5.29 -33.98
CA ALA A 32 0.58 -4.48 -35.04
C ALA A 32 -0.86 -4.89 -35.34
N GLY A 33 -1.21 -6.15 -35.08
CA GLY A 33 -2.58 -6.57 -35.27
C GLY A 33 -3.51 -6.02 -34.20
N VAL A 34 -3.12 -6.17 -32.93
CA VAL A 34 -3.91 -5.62 -31.84
C VAL A 34 -4.02 -4.10 -31.97
N ARG A 35 -2.92 -3.45 -32.34
CA ARG A 35 -2.96 -2.00 -32.57
C ARG A 35 -3.94 -1.64 -33.67
N TYR A 36 -4.10 -2.50 -34.67
CA TYR A 36 -5.07 -2.24 -35.72
C TYR A 36 -6.51 -2.46 -35.23
N TYR A 37 -6.71 -3.48 -34.41
CA TYR A 37 -8.05 -3.76 -33.89
C TYR A 37 -8.42 -2.83 -32.73
N THR A 38 -7.43 -2.36 -31.97
CA THR A 38 -7.72 -1.45 -30.86
C THR A 38 -7.99 -0.04 -31.34
N GLU A 39 -7.24 0.43 -32.34
CA GLU A 39 -7.47 1.77 -32.88
C GLU A 39 -8.88 1.89 -33.45
N TRP A 40 -9.38 0.82 -34.08
CA TRP A 40 -10.75 0.85 -34.58
C TRP A 40 -11.75 0.99 -33.45
N LEU A 41 -11.50 0.34 -32.32
CA LEU A 41 -12.39 0.47 -31.17
C LEU A 41 -12.38 1.89 -30.61
N SER A 42 -11.23 2.56 -30.64
CA SER A 42 -11.17 3.95 -30.18
C SER A 42 -11.96 4.88 -31.09
N LEU A 43 -11.99 4.59 -32.40
CA LEU A 43 -12.81 5.39 -33.31
C LEU A 43 -14.29 5.10 -33.11
N LEU A 44 -14.65 3.83 -32.94
CA LEU A 44 -16.04 3.49 -32.66
C LEU A 44 -16.50 4.07 -31.33
N ARG A 45 -15.58 4.23 -30.38
CA ARG A 45 -15.91 4.92 -29.14
C ARG A 45 -16.27 6.38 -29.41
N GLN A 46 -15.59 6.99 -30.39
CA GLN A 46 -15.82 8.37 -30.84
C GLN A 46 -16.10 9.32 -29.68
N GLU A 47 -15.23 9.27 -28.67
CA GLU A 47 -15.31 10.20 -27.54
C GLU A 47 -14.06 11.07 -27.51
N ASN A 48 -13.70 11.55 -26.31
CA ASN A 48 -12.56 12.46 -26.21
C ASN A 48 -11.25 11.73 -26.47
N LEU A 49 -11.04 10.57 -25.83
CA LEU A 49 -9.85 9.76 -26.02
C LEU A 49 -8.58 10.56 -25.71
N TYR A 50 -8.25 10.70 -24.43
CA TYR A 50 -7.15 11.53 -24.00
C TYR A 50 -5.82 10.81 -24.22
N ARG A 51 -4.73 11.49 -23.87
CA ARG A 51 -3.38 10.93 -23.96
C ARG A 51 -2.54 11.55 -22.86
N ARG A 52 -1.22 11.53 -23.03
CA ARG A 52 -0.30 12.16 -22.09
C ARG A 52 -0.53 13.67 -22.05
N CYS A 62 -3.30 16.22 -22.28
CA CYS A 62 -3.43 16.73 -23.64
C CYS A 62 -4.71 16.24 -24.28
N ASP A 63 -5.06 16.81 -25.43
CA ASP A 63 -6.30 16.51 -26.13
C ASP A 63 -6.03 16.19 -27.60
N LYS A 64 -5.14 15.24 -27.85
CA LYS A 64 -4.94 14.75 -29.20
C LYS A 64 -5.99 13.70 -29.54
N THR A 65 -6.45 13.71 -30.79
CA THR A 65 -7.55 12.88 -31.24
C THR A 65 -8.79 13.08 -30.36
N ALA A 66 -9.04 14.35 -30.01
CA ALA A 66 -10.15 14.72 -29.13
C ALA A 66 -11.39 14.93 -29.99
N GLU A 67 -12.31 13.96 -29.95
CA GLU A 67 -13.58 14.02 -30.67
C GLU A 67 -13.38 14.07 -32.18
N GLU A 68 -12.13 14.05 -32.63
CA GLU A 68 -11.81 14.05 -34.04
C GLU A 68 -11.95 12.67 -34.68
N CYS A 69 -12.24 11.65 -33.88
CA CYS A 69 -12.49 10.31 -34.42
C CYS A 69 -13.76 10.27 -35.27
N LYS A 70 -14.67 11.22 -35.08
CA LYS A 70 -15.87 11.27 -35.90
C LYS A 70 -15.52 11.44 -37.38
N ALA A 71 -14.63 12.38 -37.69
CA ALA A 71 -14.22 12.60 -39.07
C ALA A 71 -13.24 11.53 -39.56
N GLU A 72 -12.40 11.00 -38.66
CA GLU A 72 -11.45 9.96 -39.06
C GLU A 72 -12.15 8.63 -39.29
N LEU A 73 -13.21 8.34 -38.54
CA LEU A 73 -14.00 7.13 -38.79
C LEU A 73 -14.72 7.23 -40.13
N LEU A 74 -15.31 8.40 -40.42
CA LEU A 74 -16.09 8.55 -41.64
C LEU A 74 -15.24 8.36 -42.89
N GLU A 75 -14.02 8.92 -42.89
CA GLU A 75 -13.12 8.69 -44.01
C GLU A 75 -12.76 7.21 -44.11
N ARG A 76 -12.57 6.55 -42.98
CA ARG A 76 -12.32 5.12 -42.96
C ARG A 76 -13.58 4.30 -43.22
N LEU A 77 -14.76 4.89 -43.00
CA LEU A 77 -16.03 4.21 -43.23
C LEU A 77 -16.54 4.44 -44.66
N ARG A 78 -16.43 5.67 -45.17
CA ARG A 78 -16.88 5.94 -46.53
C ARG A 78 -16.00 5.26 -47.56
N ALA A 79 -14.72 5.05 -47.24
CA ALA A 79 -13.82 4.42 -48.19
C ALA A 79 -14.18 2.95 -48.42
N ARG A 80 -14.76 2.29 -47.41
CA ARG A 80 -15.13 0.90 -47.56
C ARG A 80 -16.44 0.70 -48.32
N GLN A 81 -17.30 1.72 -48.38
CA GLN A 81 -18.52 1.58 -49.16
C GLN A 81 -18.21 1.47 -50.65
N VAL A 82 -17.27 2.30 -51.14
CA VAL A 82 -16.84 2.19 -52.53
C VAL A 82 -15.83 1.08 -52.74
N GLU A 83 -15.32 0.47 -51.67
CA GLU A 83 -14.39 -0.64 -51.76
C GLU A 83 -15.08 -1.98 -51.95
N ASN A 84 -16.31 -2.12 -51.46
CA ASN A 84 -17.01 -3.40 -51.43
C ASN A 84 -18.17 -3.45 -52.43
N GLY A 85 -18.18 -2.55 -53.41
CA GLY A 85 -19.22 -2.54 -54.42
C GLY A 85 -20.60 -2.26 -53.88
N HIS A 86 -20.74 -1.13 -53.18
CA HIS A 86 -22.01 -0.71 -52.61
C HIS A 86 -22.44 0.59 -53.30
N ARG A 87 -23.61 0.55 -53.95
CA ARG A 87 -24.12 1.72 -54.64
C ARG A 87 -25.61 1.93 -54.43
N GLY A 88 -26.23 1.23 -53.47
CA GLY A 88 -27.63 1.41 -53.18
C GLY A 88 -27.83 2.45 -52.09
N PRO A 89 -28.27 2.02 -50.91
CA PRO A 89 -28.43 2.96 -49.80
C PRO A 89 -27.07 3.41 -49.25
N ALA A 90 -26.77 4.70 -49.40
CA ALA A 90 -25.48 5.22 -48.94
C ALA A 90 -25.49 5.41 -47.42
N GLY A 91 -26.42 6.19 -46.90
CA GLY A 91 -26.51 6.42 -45.47
C GLY A 91 -25.98 7.79 -45.07
N SER A 92 -26.75 8.51 -44.27
CA SER A 92 -26.36 9.85 -43.84
C SER A 92 -25.26 9.75 -42.78
N ASP A 93 -24.80 10.92 -42.32
CA ASP A 93 -23.79 10.98 -41.28
C ASP A 93 -24.34 10.62 -39.90
N ASP A 94 -25.61 10.25 -39.80
CA ASP A 94 -26.20 9.82 -38.53
C ASP A 94 -26.09 8.32 -38.34
N GLU A 95 -26.59 7.53 -39.30
CA GLU A 95 -26.44 6.08 -39.23
C GLU A 95 -24.98 5.68 -39.16
N LEU A 96 -24.08 6.50 -39.69
CA LEU A 96 -22.65 6.28 -39.52
C LEU A 96 -22.26 6.37 -38.05
N LEU A 97 -22.60 7.49 -37.40
CA LEU A 97 -22.27 7.67 -36.00
C LEU A 97 -23.21 6.91 -35.08
N GLN A 98 -24.43 6.62 -35.54
CA GLN A 98 -25.35 5.81 -34.75
C GLN A 98 -24.78 4.40 -34.55
N LEU A 99 -24.55 3.69 -35.67
CA LEU A 99 -24.01 2.35 -35.59
C LEU A 99 -22.57 2.32 -35.09
N ALA A 100 -21.86 3.45 -35.15
CA ALA A 100 -20.50 3.51 -34.60
C ALA A 100 -20.51 3.36 -33.09
N ARG A 101 -21.27 4.22 -32.41
CA ARG A 101 -21.36 4.13 -30.95
C ARG A 101 -22.20 2.93 -30.54
N GLN A 102 -23.15 2.50 -31.37
CA GLN A 102 -23.99 1.36 -31.02
C GLN A 102 -23.20 0.05 -31.10
N LEU A 103 -22.31 -0.08 -32.09
CA LEU A 103 -21.48 -1.27 -32.18
C LEU A 103 -20.40 -1.27 -31.10
N TYR A 104 -19.88 -0.10 -30.74
CA TYR A 104 -18.85 -0.03 -29.71
C TYR A 104 -19.40 -0.48 -28.36
N GLU A 105 -20.56 0.07 -27.96
CA GLU A 105 -21.19 -0.37 -26.72
C GLU A 105 -21.67 -1.81 -26.81
N LEU A 106 -21.77 -2.37 -28.01
CA LEU A 106 -22.10 -3.77 -28.20
C LEU A 106 -20.88 -4.67 -28.12
N LEU A 107 -19.73 -4.19 -28.60
CA LEU A 107 -18.51 -4.98 -28.52
C LEU A 107 -17.97 -5.01 -27.10
N VAL A 108 -17.79 -3.83 -26.48
CA VAL A 108 -17.35 -3.76 -25.09
C VAL A 108 -18.52 -3.25 -24.25
N PRO A 109 -19.19 -4.13 -23.50
CA PRO A 109 -20.33 -3.68 -22.68
C PRO A 109 -19.93 -2.82 -21.48
N GLN A 110 -18.63 -2.76 -21.14
CA GLN A 110 -18.19 -1.96 -20.01
C GLN A 110 -18.25 -0.46 -20.27
N ALA A 111 -18.57 -0.04 -21.49
CA ALA A 111 -18.67 1.38 -21.80
C ALA A 111 -19.97 2.01 -21.29
N ILE A 112 -21.01 1.20 -21.08
CA ILE A 112 -22.30 1.69 -20.60
C ILE A 112 -22.61 1.19 -19.19
N GLY A 113 -21.74 0.39 -18.59
CA GLY A 113 -21.95 -0.15 -17.27
C GLY A 113 -22.48 -1.56 -17.22
N ALA A 114 -22.62 -2.23 -18.37
CA ALA A 114 -23.12 -3.60 -18.40
C ALA A 114 -21.98 -4.57 -18.13
N LYS A 115 -22.24 -5.87 -18.30
CA LYS A 115 -21.25 -6.91 -18.06
C LYS A 115 -21.18 -7.81 -19.28
N GLY A 116 -19.96 -8.23 -19.63
CA GLY A 116 -19.75 -9.13 -20.74
C GLY A 116 -18.34 -9.70 -20.76
N ASP A 117 -18.22 -11.01 -20.84
CA ASP A 117 -16.92 -11.66 -20.89
C ASP A 117 -16.43 -11.77 -22.33
N ALA A 118 -15.11 -11.69 -22.50
CA ALA A 118 -14.50 -11.59 -23.81
C ALA A 118 -14.47 -12.92 -24.58
N GLN A 119 -14.98 -14.00 -23.99
CA GLN A 119 -15.00 -15.29 -24.68
C GLN A 119 -16.02 -15.28 -25.81
N GLN A 120 -17.31 -15.26 -25.47
CA GLN A 120 -18.39 -15.30 -26.44
C GLN A 120 -18.68 -13.93 -27.07
N ILE A 121 -17.76 -12.99 -26.99
CA ILE A 121 -17.89 -11.69 -27.63
C ILE A 121 -16.98 -11.58 -28.85
N ALA A 122 -15.70 -11.90 -28.67
CA ALA A 122 -14.77 -11.86 -29.80
C ALA A 122 -15.04 -13.00 -30.79
N ARG A 123 -15.34 -14.20 -30.28
CA ARG A 123 -15.66 -15.32 -31.14
C ARG A 123 -16.99 -15.14 -31.86
N LYS A 124 -17.85 -14.25 -31.35
CA LYS A 124 -19.16 -14.00 -31.94
C LYS A 124 -19.13 -12.93 -33.02
N PHE A 125 -18.34 -11.88 -32.83
CA PHE A 125 -18.35 -10.73 -33.73
C PHE A 125 -17.26 -10.74 -34.79
N LEU A 126 -16.19 -11.50 -34.59
CA LEU A 126 -15.07 -11.46 -35.52
C LEU A 126 -15.46 -11.97 -36.90
N SER A 127 -15.76 -13.27 -37.00
CA SER A 127 -16.08 -13.88 -38.28
C SER A 127 -17.19 -13.16 -39.04
N PRO A 128 -18.29 -12.70 -38.42
CA PRO A 128 -19.25 -11.88 -39.18
C PRO A 128 -18.67 -10.56 -39.68
N LEU A 129 -18.01 -9.81 -38.79
CA LEU A 129 -17.38 -8.56 -39.19
C LEU A 129 -16.10 -8.76 -39.99
N ALA A 130 -15.54 -9.97 -39.99
CA ALA A 130 -14.34 -10.26 -40.76
C ALA A 130 -14.54 -11.49 -41.63
N ARG A 175 -31.25 -7.38 -30.41
CA ARG A 175 -30.47 -6.16 -30.36
C ARG A 175 -29.11 -6.35 -31.05
N THR A 176 -28.45 -7.46 -30.73
CA THR A 176 -27.16 -7.76 -31.34
C THR A 176 -27.31 -8.04 -32.84
N ALA A 177 -28.30 -8.85 -33.20
CA ALA A 177 -28.53 -9.16 -34.61
C ALA A 177 -29.01 -7.96 -35.40
N ASP A 178 -29.62 -6.97 -34.74
CA ASP A 178 -30.09 -5.79 -35.46
C ASP A 178 -28.93 -4.90 -35.88
N VAL A 179 -27.96 -4.70 -34.98
CA VAL A 179 -26.80 -3.87 -35.32
C VAL A 179 -25.93 -4.55 -36.36
N LEU A 180 -25.76 -5.86 -36.25
CA LEU A 180 -24.94 -6.60 -37.21
C LEU A 180 -25.59 -6.64 -38.59
N ARG A 181 -26.92 -6.59 -38.64
CA ARG A 181 -27.63 -6.64 -39.92
C ARG A 181 -27.80 -5.24 -40.52
N ALA A 182 -28.16 -4.25 -39.70
CA ALA A 182 -28.29 -2.88 -40.22
C ALA A 182 -26.94 -2.34 -40.68
N LEU A 183 -25.85 -2.78 -40.06
CA LEU A 183 -24.52 -2.38 -40.51
C LEU A 183 -24.11 -3.10 -41.79
N ALA A 184 -24.54 -4.35 -41.95
CA ALA A 184 -24.27 -5.08 -43.19
C ALA A 184 -25.14 -4.61 -44.35
N ASP A 185 -26.19 -3.84 -44.08
CA ASP A 185 -27.01 -3.29 -45.16
C ASP A 185 -26.32 -2.13 -45.86
N PHE A 186 -25.44 -1.41 -45.16
CA PHE A 186 -24.79 -0.22 -45.68
C PHE A 186 -23.53 -0.55 -46.48
N GLY A 187 -23.45 -1.75 -47.06
CA GLY A 187 -22.30 -2.13 -47.85
C GLY A 187 -21.02 -2.35 -47.08
N LEU A 188 -21.10 -2.37 -45.74
CA LEU A 188 -19.93 -2.62 -44.90
C LEU A 188 -19.89 -4.05 -44.38
N LYS A 189 -20.33 -5.00 -45.21
CA LYS A 189 -20.15 -6.42 -44.89
C LYS A 189 -18.70 -6.74 -44.53
N PRO A 190 -17.68 -6.33 -45.30
CA PRO A 190 -16.31 -6.50 -44.79
C PRO A 190 -15.86 -5.26 -44.05
N LEU A 191 -16.19 -5.15 -42.77
CA LEU A 191 -15.73 -4.02 -41.98
C LEU A 191 -14.26 -4.15 -41.61
N ARG A 193 -10.81 -6.60 -42.68
CA ARG A 193 -10.01 -7.68 -43.21
C ARG A 193 -8.97 -8.09 -42.18
N VAL A 194 -8.76 -9.40 -42.04
CA VAL A 194 -7.87 -9.88 -40.98
C VAL A 194 -6.45 -9.42 -41.24
N TYR A 195 -5.66 -9.38 -40.16
CA TYR A 195 -4.31 -8.85 -40.25
C TYR A 195 -3.36 -9.81 -40.96
N THR A 196 -3.60 -11.11 -40.86
CA THR A 196 -2.66 -12.08 -41.39
C THR A 196 -2.79 -12.24 -42.90
N ASP A 197 -4.02 -12.29 -43.42
CA ASP A 197 -4.21 -12.53 -44.85
C ASP A 197 -4.09 -11.26 -45.69
N SER A 198 -4.17 -10.09 -45.07
CA SER A 198 -4.11 -8.84 -45.81
C SER A 198 -2.68 -8.52 -46.22
N GLU A 199 -2.40 -7.25 -46.53
CA GLU A 199 -1.08 -6.80 -46.95
C GLU A 199 -0.29 -6.15 -45.83
N SER A 201 0.55 -7.70 -42.86
CA SER A 201 1.51 -8.72 -42.41
C SER A 201 2.48 -9.05 -43.54
N SER A 202 3.76 -8.80 -43.30
CA SER A 202 4.78 -9.05 -44.31
C SER A 202 5.18 -10.52 -44.41
N VAL A 203 4.73 -11.36 -43.48
CA VAL A 203 5.11 -12.76 -43.47
C VAL A 203 4.07 -13.57 -44.24
N GLU A 204 4.47 -14.76 -44.68
CA GLU A 204 3.57 -15.69 -45.36
C GLU A 204 3.10 -16.72 -44.34
N TRP A 205 1.87 -16.54 -43.85
CA TRP A 205 1.30 -17.46 -42.89
C TRP A 205 0.91 -18.77 -43.58
N LYS A 206 0.34 -19.68 -42.80
CA LYS A 206 -0.24 -20.88 -43.39
C LYS A 206 -1.53 -20.50 -44.12
N PRO A 207 -1.75 -21.04 -45.32
CA PRO A 207 -2.93 -20.64 -46.10
C PRO A 207 -4.22 -21.00 -45.37
N LEU A 208 -5.13 -20.04 -45.31
CA LEU A 208 -6.43 -20.26 -44.67
C LEU A 208 -7.18 -21.37 -45.39
N ARG A 209 -7.50 -22.43 -44.66
CA ARG A 209 -8.10 -23.62 -45.25
C ARG A 209 -9.51 -23.32 -45.76
N LYS A 210 -9.91 -24.03 -46.81
CA LYS A 210 -11.24 -23.89 -47.38
C LYS A 210 -12.27 -24.40 -46.38
N GLY A 211 -12.99 -23.47 -45.76
CA GLY A 211 -13.97 -23.84 -44.74
C GLY A 211 -13.87 -22.96 -43.52
N GLN A 212 -12.67 -22.76 -43.02
CA GLN A 212 -12.44 -21.89 -41.87
C GLN A 212 -12.50 -20.43 -42.30
N ALA A 213 -13.17 -19.60 -41.50
CA ALA A 213 -13.34 -18.20 -41.83
C ALA A 213 -12.06 -17.40 -41.58
N VAL A 214 -11.61 -17.37 -40.33
CA VAL A 214 -10.47 -16.57 -39.91
C VAL A 214 -9.47 -17.46 -39.19
N ARG A 215 -8.19 -17.22 -39.43
CA ARG A 215 -7.15 -17.95 -38.71
C ARG A 215 -7.20 -17.62 -37.22
N THR A 216 -6.68 -18.54 -36.41
CA THR A 216 -6.70 -18.36 -34.97
C THR A 216 -5.81 -17.22 -34.51
N TRP A 217 -4.83 -16.82 -35.32
CA TRP A 217 -3.97 -15.70 -34.95
C TRP A 217 -4.78 -14.42 -34.80
N ASP A 218 -5.64 -14.13 -35.77
CA ASP A 218 -6.46 -12.94 -35.70
C ASP A 218 -7.58 -13.06 -34.67
N ARG A 219 -7.97 -14.29 -34.31
CA ARG A 219 -8.88 -14.47 -33.19
C ARG A 219 -8.22 -14.12 -31.88
N ASP A 220 -6.90 -14.30 -31.78
CA ASP A 220 -6.18 -13.90 -30.58
C ASP A 220 -5.91 -12.41 -30.56
N PHE A 222 -8.00 -10.05 -32.12
CA PHE A 222 -9.29 -9.39 -31.93
C PHE A 222 -9.79 -9.56 -30.50
N GLN A 223 -9.52 -10.72 -29.89
CA GLN A 223 -9.93 -10.93 -28.51
C GLN A 223 -9.07 -10.11 -27.55
N GLN A 224 -7.76 -10.04 -27.81
CA GLN A 224 -6.87 -9.28 -26.94
C GLN A 224 -7.15 -7.78 -27.03
N ALA A 225 -7.63 -7.31 -28.19
CA ALA A 225 -8.01 -5.92 -28.32
C ALA A 225 -9.31 -5.61 -27.58
N ILE A 226 -10.21 -6.60 -27.51
CA ILE A 226 -11.45 -6.41 -26.76
C ILE A 226 -11.17 -6.34 -25.27
N GLU A 227 -10.30 -7.21 -24.77
CA GLU A 227 -9.97 -7.19 -23.34
C GLU A 227 -9.25 -5.91 -22.96
N ARG A 228 -8.44 -5.35 -23.86
CA ARG A 228 -7.74 -4.11 -23.56
C ARG A 228 -8.71 -2.93 -23.49
N SER A 231 -10.81 -3.32 -20.11
CA SER A 231 -10.03 -2.80 -18.99
C SER A 231 -9.87 -1.28 -19.07
N TRP A 232 -10.10 -0.69 -20.24
CA TRP A 232 -9.97 0.75 -20.39
C TRP A 232 -11.23 1.47 -19.92
N GLU A 233 -12.40 1.02 -20.36
CA GLU A 233 -13.65 1.67 -19.97
C GLU A 233 -13.89 1.53 -18.47
N SER A 234 -13.58 0.37 -17.90
CA SER A 234 -13.66 0.23 -16.44
C SER A 234 -12.61 1.07 -15.73
N TRP A 235 -11.54 1.45 -16.42
CA TRP A 235 -10.53 2.32 -15.83
C TRP A 235 -10.94 3.78 -15.91
N ASN A 236 -11.41 4.22 -17.09
CA ASN A 236 -11.82 5.61 -17.25
C ASN A 236 -13.01 5.93 -16.35
N GLN A 237 -13.93 4.98 -16.19
CA GLN A 237 -15.09 5.21 -15.33
C GLN A 237 -14.69 5.26 -13.86
N ARG A 238 -13.82 4.34 -13.43
CA ARG A 238 -13.41 4.29 -12.03
C ARG A 238 -12.59 5.52 -11.65
N VAL A 239 -11.75 6.01 -12.57
CA VAL A 239 -10.99 7.22 -12.30
C VAL A 239 -11.91 8.42 -12.18
N GLY A 240 -12.95 8.48 -13.03
CA GLY A 240 -13.90 9.57 -12.93
C GLY A 240 -14.76 9.50 -11.69
N GLN A 241 -15.01 8.28 -11.18
CA GLN A 241 -15.80 8.14 -9.96
C GLN A 241 -14.98 8.54 -8.74
N GLU A 242 -13.70 8.15 -8.70
CA GLU A 242 -12.84 8.55 -7.58
C GLU A 242 -12.63 10.06 -7.56
N TYR A 243 -12.53 10.67 -8.74
CA TYR A 243 -12.41 12.13 -8.80
C TYR A 243 -13.72 12.81 -8.40
N ALA A 244 -14.85 12.13 -8.61
CA ALA A 244 -16.13 12.71 -8.19
C ALA A 244 -16.28 12.69 -6.67
N LYS A 245 -15.81 11.63 -6.02
CA LYS A 245 -15.85 11.59 -4.56
C LYS A 245 -14.82 12.53 -3.95
N LEU A 246 -13.73 12.80 -4.68
CA LEU A 246 -12.75 13.76 -4.18
C LEU A 246 -13.28 15.19 -4.28
N VAL A 247 -14.04 15.49 -5.33
CA VAL A 247 -14.64 16.81 -5.45
C VAL A 247 -15.74 16.98 -4.40
N GLU A 248 -16.53 15.93 -4.16
CA GLU A 248 -17.52 15.99 -3.09
C GLU A 248 -16.86 16.22 -1.74
N GLN A 249 -15.70 15.62 -1.52
CA GLN A 249 -15.01 15.80 -0.25
C GLN A 249 -14.56 17.24 -0.07
N LYS A 250 -14.15 17.90 -1.15
CA LYS A 250 -13.72 19.29 -1.07
C LYS A 250 -14.91 20.24 -0.97
N ASN A 251 -15.97 19.98 -1.74
CA ASN A 251 -17.12 20.88 -1.73
C ASN A 251 -17.86 20.84 -0.40
N ARG A 252 -18.06 19.65 0.16
CA ARG A 252 -18.78 19.55 1.44
C ARG A 252 -17.93 20.04 2.60
N PHE A 253 -16.61 19.93 2.50
CA PHE A 253 -15.73 20.50 3.51
C PHE A 253 -15.63 22.01 3.38
N GLU A 254 -15.77 22.53 2.15
CA GLU A 254 -15.69 23.97 1.94
C GLU A 254 -16.94 24.68 2.47
N GLN A 255 -18.10 24.03 2.40
CA GLN A 255 -19.35 24.63 2.82
C GLN A 255 -19.65 24.43 4.30
N LYS A 256 -18.74 23.83 5.05
CA LYS A 256 -18.92 23.64 6.49
C LYS A 256 -18.00 24.50 7.34
N ASN A 257 -16.82 24.85 6.85
CA ASN A 257 -15.86 25.63 7.61
C ASN A 257 -15.76 27.08 7.19
N PHE A 258 -16.01 27.39 5.92
CA PHE A 258 -15.81 28.73 5.37
C PHE A 258 -17.17 29.28 4.94
N VAL A 259 -18.02 29.58 5.92
CA VAL A 259 -19.32 30.18 5.66
C VAL A 259 -19.19 31.68 5.86
N GLY A 260 -19.13 32.12 7.12
CA GLY A 260 -18.88 33.52 7.41
C GLY A 260 -17.46 33.97 7.19
N GLN A 261 -16.55 33.04 6.88
CA GLN A 261 -15.15 33.35 6.65
C GLN A 261 -14.83 33.25 5.15
N GLU A 262 -15.58 34.01 4.36
CA GLU A 262 -15.37 34.00 2.91
C GLU A 262 -14.13 34.77 2.53
N HIS A 263 -13.84 35.87 3.24
CA HIS A 263 -12.68 36.69 2.90
C HIS A 263 -11.38 36.05 3.37
N LEU A 264 -11.44 35.29 4.46
CA LEU A 264 -10.23 34.69 5.01
C LEU A 264 -9.64 33.63 4.08
N VAL A 265 -10.49 32.94 3.32
CA VAL A 265 -9.99 31.98 2.34
C VAL A 265 -9.25 32.71 1.23
N HIS A 266 -9.79 33.84 0.78
CA HIS A 266 -9.13 34.62 -0.27
C HIS A 266 -7.83 35.25 0.23
N LEU A 267 -7.75 35.58 1.52
CA LEU A 267 -6.52 36.14 2.05
C LEU A 267 -5.44 35.06 2.21
N VAL A 268 -5.84 33.81 2.41
CA VAL A 268 -4.87 32.73 2.45
C VAL A 268 -4.30 32.48 1.06
N ASN A 269 -5.16 32.52 0.04
CA ASN A 269 -4.66 32.40 -1.33
C ASN A 269 -3.76 33.56 -1.71
N GLN A 270 -3.95 34.73 -1.08
CA GLN A 270 -2.96 35.79 -1.17
C GLN A 270 -1.65 35.37 -0.56
N LEU A 271 -1.70 34.73 0.62
CA LEU A 271 -0.49 34.34 1.31
C LEU A 271 0.26 33.25 0.56
N GLN A 272 -0.46 32.24 0.05
CA GLN A 272 0.20 31.14 -0.65
C GLN A 272 0.80 31.61 -1.97
N GLN A 273 0.12 32.54 -2.66
CA GLN A 273 0.70 33.10 -3.89
C GLN A 273 1.89 33.99 -3.58
N ASP A 274 1.92 34.60 -2.40
CA ASP A 274 3.06 35.41 -2.00
C ASP A 274 4.29 34.56 -1.74
N LYS A 276 5.11 31.48 -3.30
CA LYS A 276 5.68 30.90 -4.51
C LYS A 276 6.32 31.96 -5.41
N GLU A 277 5.66 33.13 -5.54
CA GLU A 277 6.21 34.18 -6.38
C GLU A 277 7.49 34.76 -5.81
N ALA A 278 7.62 34.78 -4.48
CA ALA A 278 8.84 35.23 -3.84
C ALA A 278 9.89 34.15 -3.73
N SER A 279 9.57 32.92 -4.11
CA SER A 279 10.54 31.82 -4.06
C SER A 279 11.14 31.55 -5.43
N VAL A 292 0.13 26.16 2.52
CA VAL A 292 0.05 26.15 3.97
C VAL A 292 -0.58 24.84 4.46
N THR A 293 0.27 23.92 4.91
CA THR A 293 -0.15 22.63 5.41
C THR A 293 0.00 22.57 6.92
N GLY A 294 -0.43 21.45 7.51
CA GLY A 294 -0.32 21.29 8.95
C GLY A 294 1.09 21.09 9.42
N ARG A 295 1.95 20.52 8.57
CA ARG A 295 3.35 20.31 8.93
C ARG A 295 4.08 21.63 9.11
N ALA A 296 3.70 22.65 8.35
CA ALA A 296 4.34 23.96 8.41
C ALA A 296 3.73 24.89 9.46
N LEU A 297 2.73 24.43 10.19
CA LEU A 297 2.09 25.21 11.24
C LEU A 297 2.34 24.65 12.63
N ARG A 298 3.38 23.82 12.78
CA ARG A 298 3.69 23.25 14.08
C ARG A 298 4.11 24.34 15.05
N GLY A 299 3.41 24.44 16.17
CA GLY A 299 3.64 25.51 17.12
C GLY A 299 2.86 26.78 16.84
N SER A 300 1.69 26.66 16.21
CA SER A 300 0.92 27.84 15.86
C SER A 300 0.25 28.45 17.09
N ASP A 301 -0.33 27.61 17.95
CA ASP A 301 -1.01 28.14 19.14
C ASP A 301 -0.04 28.79 20.10
N LYS A 302 1.21 28.30 20.16
CA LYS A 302 2.23 28.95 20.98
C LYS A 302 2.57 30.34 20.43
N VAL A 303 2.61 30.47 19.10
CA VAL A 303 2.90 31.76 18.48
C VAL A 303 1.73 32.71 18.67
N PHE A 304 0.50 32.22 18.43
CA PHE A 304 -0.68 33.06 18.53
C PHE A 304 -0.98 33.47 19.97
N GLU A 305 -0.51 32.69 20.95
CA GLU A 305 -0.69 33.07 22.35
C GLU A 305 0.26 34.18 22.76
N LYS A 306 1.51 34.11 22.29
CA LYS A 306 2.50 35.10 22.68
C LYS A 306 2.41 36.37 21.83
N TRP A 307 1.92 36.25 20.59
CA TRP A 307 1.73 37.43 19.76
C TRP A 307 0.51 38.23 20.17
N GLY A 308 -0.49 37.58 20.78
CA GLY A 308 -1.62 38.31 21.35
C GLY A 308 -1.21 39.26 22.45
N LYS A 309 -0.04 39.04 23.06
CA LYS A 309 0.53 39.94 24.05
C LYS A 309 1.38 41.04 23.43
N LEU A 310 1.35 41.19 22.11
CA LEU A 310 2.11 42.20 21.39
C LEU A 310 1.16 43.14 20.66
N ALA A 311 1.73 44.05 19.87
CA ALA A 311 0.97 45.08 19.19
C ALA A 311 1.29 45.06 17.70
N PRO A 312 0.36 45.53 16.85
CA PRO A 312 0.66 45.58 15.41
C PRO A 312 1.77 46.55 15.06
N ASP A 313 1.69 47.78 15.55
CA ASP A 313 2.69 48.82 15.24
C ASP A 313 3.97 48.67 16.07
N ALA A 314 4.38 47.44 16.35
CA ALA A 314 5.58 47.12 17.09
C ALA A 314 6.71 46.76 16.13
N PRO A 315 7.96 46.90 16.55
CA PRO A 315 9.07 46.51 15.68
C PRO A 315 9.01 45.03 15.33
N PHE A 316 9.44 44.71 14.11
CA PHE A 316 9.37 43.33 13.64
C PHE A 316 10.27 42.39 14.44
N ASP A 317 11.28 42.92 15.12
CA ASP A 317 12.13 42.08 15.95
C ASP A 317 11.36 41.49 17.12
N LEU A 318 10.32 42.19 17.60
CA LEU A 318 9.51 41.64 18.68
C LEU A 318 8.73 40.42 18.22
N TYR A 319 8.19 40.46 17.00
CA TYR A 319 7.51 39.28 16.45
C TYR A 319 8.50 38.12 16.27
N ASP A 320 9.72 38.43 15.86
CA ASP A 320 10.73 37.38 15.70
C ASP A 320 11.22 36.86 17.04
N ALA A 321 11.14 37.68 18.09
CA ALA A 321 11.61 37.26 19.40
C ALA A 321 10.75 36.13 19.96
N GLU A 322 9.44 36.18 19.71
CA GLU A 322 8.56 35.13 20.21
C GLU A 322 8.69 33.83 19.41
N ILE A 323 9.16 33.92 18.16
CA ILE A 323 9.30 32.72 17.34
C ILE A 323 10.51 31.90 17.80
N LYS A 324 11.59 32.57 18.19
CA LYS A 324 12.78 31.86 18.66
C LYS A 324 12.62 31.30 20.06
N ASN A 325 11.63 31.79 20.82
CA ASN A 325 11.43 31.28 22.18
C ASN A 325 10.67 29.95 22.17
N VAL A 326 9.71 29.79 21.26
CA VAL A 326 8.91 28.57 21.24
C VAL A 326 9.72 27.38 20.71
N GLN A 327 10.85 27.63 20.07
CA GLN A 327 11.71 26.53 19.65
C GLN A 327 12.47 25.91 20.82
N ARG A 328 12.64 26.66 21.91
CA ARG A 328 13.37 26.13 23.06
C ARG A 328 12.61 24.98 23.72
N ARG A 329 11.29 24.94 23.57
CA ARG A 329 10.51 23.89 24.20
C ARG A 329 10.62 22.57 23.46
N ASN A 330 10.49 22.60 22.13
CA ASN A 330 10.54 21.38 21.34
C ASN A 330 11.06 21.73 19.95
N THR A 331 12.31 21.33 19.67
CA THR A 331 12.87 21.47 18.34
C THR A 331 12.46 20.34 17.40
N ARG A 332 11.85 19.28 17.93
CA ARG A 332 11.44 18.15 17.09
C ARG A 332 10.23 18.49 16.23
N ARG A 333 9.34 19.35 16.72
CA ARG A 333 8.10 19.69 16.02
C ARG A 333 8.03 21.20 15.85
N PHE A 334 8.74 21.70 14.83
CA PHE A 334 8.70 23.11 14.45
C PHE A 334 9.38 23.26 13.09
N GLY A 335 8.90 24.21 12.31
CA GLY A 335 9.47 24.47 11.01
C GLY A 335 8.81 25.65 10.35
N SER A 336 9.40 26.05 9.22
CA SER A 336 8.91 27.14 8.36
C SER A 336 8.82 28.44 9.13
N HIS A 337 10.01 29.04 9.34
CA HIS A 337 10.08 30.37 9.91
C HIS A 337 9.60 31.43 8.92
N ASP A 338 9.62 31.12 7.62
CA ASP A 338 9.20 32.10 6.63
C ASP A 338 7.69 32.33 6.68
N LEU A 339 6.91 31.31 7.05
CA LEU A 339 5.47 31.48 7.13
C LEU A 339 5.09 32.45 8.25
N PHE A 340 5.56 32.19 9.47
CA PHE A 340 5.25 33.06 10.59
C PHE A 340 5.80 34.47 10.37
N ALA A 341 6.93 34.59 9.68
CA ALA A 341 7.44 35.91 9.33
C ALA A 341 6.52 36.61 8.34
N LYS A 342 6.00 35.86 7.36
CA LYS A 342 5.02 36.42 6.43
C LYS A 342 3.62 36.45 7.01
N LEU A 343 3.36 35.67 8.07
CA LEU A 343 2.08 35.74 8.76
C LEU A 343 2.02 36.91 9.73
N ALA A 344 3.16 37.41 10.18
CA ALA A 344 3.22 38.58 11.04
C ALA A 344 3.09 39.89 10.28
N GLU A 345 3.02 39.84 8.95
CA GLU A 345 2.86 41.05 8.17
C GLU A 345 1.50 41.69 8.45
N PRO A 346 1.40 43.01 8.36
CA PRO A 346 0.10 43.67 8.62
C PRO A 346 -0.99 43.29 7.64
N GLU A 347 -0.63 42.72 6.49
CA GLU A 347 -1.65 42.29 5.54
C GLU A 347 -2.31 40.99 5.99
N TYR A 348 -1.51 40.03 6.43
CA TYR A 348 -2.00 38.69 6.76
C TYR A 348 -2.20 38.53 8.27
N GLN A 349 -2.83 39.51 8.90
CA GLN A 349 -3.13 39.42 10.33
C GLN A 349 -4.55 38.97 10.62
N ALA A 350 -5.48 39.19 9.69
CA ALA A 350 -6.86 38.74 9.88
C ALA A 350 -6.99 37.23 9.85
N LEU A 351 -5.95 36.51 9.43
CA LEU A 351 -6.01 35.05 9.40
C LEU A 351 -5.90 34.46 10.79
N TRP A 352 -5.07 35.05 11.64
CA TRP A 352 -4.81 34.51 12.97
C TRP A 352 -5.39 35.35 14.10
N ARG A 353 -5.97 36.52 13.80
CA ARG A 353 -6.58 37.37 14.82
C ARG A 353 -8.11 37.25 14.84
N GLU A 354 -8.75 37.30 13.67
CA GLU A 354 -10.20 37.15 13.63
C GLU A 354 -10.63 35.77 14.10
N ASP A 355 -9.89 34.73 13.70
CA ASP A 355 -10.16 33.36 14.11
C ASP A 355 -8.84 32.73 14.51
N ALA A 356 -8.73 32.34 15.78
CA ALA A 356 -7.50 31.75 16.31
C ALA A 356 -7.28 30.32 15.84
N SER A 357 -8.09 29.80 14.91
CA SER A 357 -7.92 28.43 14.44
C SER A 357 -8.18 28.29 12.94
N PHE A 358 -8.19 29.41 12.20
CA PHE A 358 -8.50 29.33 10.77
C PHE A 358 -7.40 28.62 10.00
N LEU A 359 -6.14 28.95 10.29
CA LEU A 359 -5.03 28.31 9.59
C LEU A 359 -5.00 26.81 9.86
N THR A 360 -5.37 26.38 11.05
CA THR A 360 -5.44 24.95 11.34
C THR A 360 -6.60 24.29 10.62
N ARG A 361 -7.74 24.99 10.50
CA ARG A 361 -8.86 24.45 9.74
C ARG A 361 -8.56 24.44 8.25
N TYR A 362 -7.73 25.37 7.78
CA TYR A 362 -7.39 25.42 6.36
C TYR A 362 -6.27 24.44 6.00
N ALA A 363 -5.43 24.08 6.97
CA ALA A 363 -4.35 23.13 6.70
C ALA A 363 -4.91 21.77 6.31
N VAL A 364 -6.07 21.39 6.83
CA VAL A 364 -6.71 20.16 6.39
C VAL A 364 -7.36 20.34 5.03
N TYR A 365 -7.88 21.54 4.75
CA TYR A 365 -8.46 21.81 3.44
C TYR A 365 -7.42 21.76 2.33
N ASN A 366 -6.17 22.15 2.65
CA ASN A 366 -5.10 22.03 1.66
C ASN A 366 -4.74 20.57 1.41
N SER A 367 -4.88 19.72 2.42
CA SER A 367 -4.60 18.30 2.22
C SER A 367 -5.63 17.64 1.33
N ILE A 368 -6.87 18.14 1.34
CA ILE A 368 -7.89 17.61 0.44
C ILE A 368 -7.59 18.01 -1.00
N LEU A 369 -7.19 19.26 -1.21
CA LEU A 369 -6.76 19.68 -2.55
C LEU A 369 -5.47 19.00 -2.96
N ARG A 370 -4.61 18.66 -1.99
CA ARG A 370 -3.39 17.91 -2.30
C ARG A 370 -3.73 16.55 -2.87
N LYS A 371 -4.66 15.83 -2.23
CA LYS A 371 -5.11 14.55 -2.76
C LYS A 371 -5.95 14.73 -4.02
N LEU A 372 -6.58 15.90 -4.18
CA LEU A 372 -7.37 16.15 -5.38
C LEU A 372 -6.48 16.43 -6.58
N ASN A 373 -5.37 17.15 -6.38
CA ASN A 373 -4.49 17.48 -7.48
C ASN A 373 -3.75 16.25 -7.99
N HIS A 374 -3.39 15.33 -7.10
CA HIS A 374 -2.77 14.07 -7.49
C HIS A 374 -3.77 13.03 -7.95
N ALA A 375 -4.76 13.45 -8.73
CA ALA A 375 -5.78 12.56 -9.26
C ALA A 375 -6.37 13.19 -10.51
N LYS A 376 -6.72 12.35 -11.48
CA LYS A 376 -7.27 12.80 -12.74
C LYS A 376 -8.76 12.47 -12.80
N PHE A 378 -9.92 11.61 -15.91
CA PHE A 378 -9.92 10.73 -17.08
C PHE A 378 -8.63 9.92 -17.08
N ALA A 379 -8.64 8.83 -17.85
CA ALA A 379 -7.49 7.96 -17.98
C ALA A 379 -6.71 8.29 -19.24
N THR A 380 -5.45 7.85 -19.27
CA THR A 380 -4.56 8.12 -20.39
C THR A 380 -4.59 6.93 -21.34
N PHE A 381 -4.92 7.20 -22.60
CA PHE A 381 -5.02 6.16 -23.63
C PHE A 381 -3.71 6.04 -24.38
N THR A 382 -3.20 4.81 -24.47
CA THR A 382 -1.96 4.52 -25.19
C THR A 382 -2.20 3.35 -26.12
N LEU A 383 -1.77 3.50 -27.38
CA LEU A 383 -1.95 2.43 -28.36
C LEU A 383 -0.84 1.39 -28.19
N PRO A 384 -1.15 0.11 -28.40
CA PRO A 384 -0.15 -0.95 -28.20
C PRO A 384 0.97 -0.90 -29.24
N ASP A 385 2.07 -0.23 -28.91
CA ASP A 385 3.24 -0.22 -29.77
C ASP A 385 4.06 -1.48 -29.55
N ALA A 386 4.75 -1.92 -30.61
CA ALA A 386 5.54 -3.14 -30.55
C ALA A 386 6.78 -2.99 -29.67
N THR A 387 7.10 -1.79 -29.20
CA THR A 387 8.28 -1.58 -28.39
C THR A 387 7.96 -0.82 -27.10
N ALA A 388 7.25 0.31 -27.23
CA ALA A 388 6.98 1.17 -26.09
C ALA A 388 5.97 0.53 -25.14
N HIS A 389 4.78 0.21 -25.66
CA HIS A 389 3.70 -0.40 -24.89
C HIS A 389 3.40 -1.77 -25.48
N PRO A 390 4.25 -2.77 -25.21
CA PRO A 390 4.11 -4.05 -25.90
C PRO A 390 2.97 -4.89 -25.36
N ILE A 391 2.39 -5.69 -26.26
CA ILE A 391 1.37 -6.68 -25.92
C ILE A 391 1.89 -8.03 -26.38
N TRP A 392 1.82 -9.02 -25.50
CA TRP A 392 2.47 -10.30 -25.71
C TRP A 392 1.56 -11.28 -26.45
N THR A 393 2.17 -12.10 -27.31
CA THR A 393 1.41 -13.09 -28.07
C THR A 393 0.94 -14.20 -27.13
N ARG A 394 -0.36 -14.35 -27.00
CA ARG A 394 -0.93 -15.32 -26.08
C ARG A 394 -1.02 -16.70 -26.72
N PHE A 395 -1.09 -17.71 -25.85
CA PHE A 395 -1.32 -19.09 -26.25
C PHE A 395 -2.41 -19.69 -25.38
N ASP A 396 -2.74 -20.96 -25.62
CA ASP A 396 -3.79 -21.65 -24.90
C ASP A 396 -3.30 -22.98 -24.37
N LYS A 397 -3.96 -23.44 -23.31
CA LYS A 397 -3.71 -24.78 -22.79
C LYS A 397 -4.01 -25.83 -23.86
N LEU A 398 -3.36 -26.99 -23.71
CA LEU A 398 -3.53 -28.07 -24.68
C LEU A 398 -4.98 -28.56 -24.69
N GLY A 399 -5.80 -27.98 -25.55
CA GLY A 399 -7.20 -28.38 -25.63
C GLY A 399 -8.11 -27.20 -25.91
N GLY A 400 -7.53 -26.02 -26.03
CA GLY A 400 -8.30 -24.82 -26.30
C GLY A 400 -8.78 -24.74 -27.73
N ASN A 401 -9.18 -23.54 -28.15
CA ASN A 401 -9.68 -23.31 -29.50
C ASN A 401 -8.77 -22.41 -30.33
N LEU A 402 -7.62 -22.01 -29.80
CA LEU A 402 -6.67 -21.20 -30.55
C LEU A 402 -5.33 -21.92 -30.65
N HIS A 403 -4.25 -21.17 -30.84
CA HIS A 403 -2.92 -21.77 -30.89
C HIS A 403 -2.52 -22.27 -29.51
N GLN A 404 -2.34 -23.58 -29.39
CA GLN A 404 -2.06 -24.22 -28.11
C GLN A 404 -0.56 -24.45 -27.94
N TYR A 405 -0.18 -24.82 -26.72
CA TYR A 405 1.19 -25.19 -26.41
C TYR A 405 1.18 -26.43 -25.53
N THR A 406 2.23 -27.23 -25.63
CA THR A 406 2.36 -28.46 -24.87
C THR A 406 3.63 -28.38 -24.01
N PHE A 407 3.49 -28.54 -22.70
CA PHE A 407 4.62 -28.53 -21.80
C PHE A 407 5.23 -29.94 -21.77
N LEU A 408 6.49 -30.04 -22.18
CA LEU A 408 7.19 -31.31 -22.23
C LEU A 408 8.08 -31.46 -21.00
N PHE A 409 7.88 -32.52 -20.25
CA PHE A 409 8.64 -32.77 -19.02
C PHE A 409 9.85 -33.64 -19.35
N ASN A 410 11.04 -33.09 -19.11
CA ASN A 410 12.31 -33.83 -19.20
C ASN A 410 12.51 -34.43 -20.59
N GLU A 411 12.49 -33.56 -21.59
CA GLU A 411 12.74 -33.98 -22.97
C GLU A 411 14.19 -33.86 -23.39
N PHE A 412 15.02 -33.16 -22.62
CA PHE A 412 16.43 -32.99 -22.93
C PHE A 412 17.35 -33.42 -21.80
N GLY A 413 16.81 -33.80 -20.65
CA GLY A 413 17.65 -34.23 -19.54
C GLY A 413 16.80 -34.51 -18.32
N GLU A 414 17.49 -34.63 -17.18
CA GLU A 414 16.80 -34.88 -15.92
C GLU A 414 15.99 -33.66 -15.49
N ARG A 415 16.63 -32.49 -15.45
CA ARG A 415 15.96 -31.24 -15.12
C ARG A 415 15.93 -30.29 -16.31
N ARG A 416 15.92 -30.84 -17.52
CA ARG A 416 15.91 -30.06 -18.76
C ARG A 416 14.54 -30.22 -19.39
N HIS A 417 13.70 -29.20 -19.22
CA HIS A 417 12.35 -29.22 -19.76
C HIS A 417 12.30 -28.55 -21.13
N ALA A 418 11.14 -28.61 -21.76
CA ALA A 418 10.94 -28.01 -23.07
C ALA A 418 9.46 -27.74 -23.29
N ILE A 419 9.17 -26.84 -24.22
CA ILE A 419 7.81 -26.49 -24.58
C ILE A 419 7.70 -26.44 -26.10
N ARG A 420 6.79 -27.22 -26.66
CA ARG A 420 6.56 -27.25 -28.10
C ARG A 420 5.36 -26.39 -28.45
N PHE A 421 5.52 -25.54 -29.47
CA PHE A 421 4.46 -24.67 -29.94
C PHE A 421 3.85 -25.27 -31.20
N HIS A 422 2.51 -25.35 -31.21
CA HIS A 422 1.82 -25.95 -32.35
C HIS A 422 1.81 -25.04 -33.57
N LYS A 423 1.81 -23.72 -33.36
CA LYS A 423 1.82 -22.76 -34.46
C LYS A 423 2.81 -21.66 -34.12
N LEU A 424 3.84 -21.50 -34.94
CA LEU A 424 4.90 -20.53 -34.69
C LEU A 424 5.35 -19.95 -36.02
N LEU A 425 6.49 -19.26 -36.00
CA LEU A 425 7.05 -18.63 -37.19
C LEU A 425 8.57 -18.84 -37.21
N LYS A 426 9.12 -18.91 -38.41
CA LYS A 426 10.56 -19.07 -38.61
C LYS A 426 11.00 -18.25 -39.81
N VAL A 427 12.13 -17.56 -39.67
CA VAL A 427 12.72 -16.80 -40.75
C VAL A 427 14.17 -17.25 -40.93
N GLU A 428 14.68 -17.08 -42.15
CA GLU A 428 16.06 -17.43 -42.48
C GLU A 428 16.84 -16.24 -43.02
N ASN A 429 16.33 -15.57 -44.05
CA ASN A 429 16.99 -14.40 -44.62
C ASN A 429 16.07 -13.19 -44.64
N GLY A 430 14.91 -13.29 -45.28
CA GLY A 430 13.97 -12.18 -45.33
C GLY A 430 12.53 -12.64 -45.39
N VAL A 431 12.33 -13.94 -45.55
CA VAL A 431 10.99 -14.53 -45.62
C VAL A 431 10.67 -15.20 -44.29
N ALA A 432 9.44 -15.03 -43.83
CA ALA A 432 8.98 -15.63 -42.58
C ALA A 432 7.75 -16.48 -42.88
N ARG A 433 7.79 -17.75 -42.48
CA ARG A 433 6.75 -18.71 -42.77
C ARG A 433 6.29 -19.39 -41.50
N GLU A 434 5.04 -19.87 -41.52
CA GLU A 434 4.45 -20.55 -40.38
C GLU A 434 4.85 -22.01 -40.38
N VAL A 435 5.30 -22.50 -39.22
CA VAL A 435 5.73 -23.89 -39.08
C VAL A 435 4.83 -24.59 -38.07
N ASP A 436 5.20 -25.82 -37.69
CA ASP A 436 4.40 -26.61 -36.77
C ASP A 436 5.32 -27.41 -35.85
N ASP A 437 4.88 -27.59 -34.60
CA ASP A 437 5.56 -28.42 -33.62
C ASP A 437 7.01 -27.99 -33.42
N VAL A 438 7.22 -26.90 -32.69
CA VAL A 438 8.56 -26.37 -32.46
C VAL A 438 8.94 -26.53 -31.00
N THR A 439 9.61 -27.63 -30.67
CA THR A 439 10.05 -27.87 -29.30
C THR A 439 11.25 -26.99 -28.98
N VAL A 440 11.16 -26.24 -27.90
CA VAL A 440 12.21 -25.31 -27.48
C VAL A 440 12.61 -25.66 -26.05
N PRO A 441 13.88 -26.00 -25.79
CA PRO A 441 14.31 -26.25 -24.42
C PRO A 441 14.10 -25.04 -23.52
N ILE A 442 14.14 -25.29 -22.22
CA ILE A 442 13.82 -24.28 -21.21
C ILE A 442 14.95 -24.24 -20.19
N SER A 443 15.40 -23.03 -19.84
CA SER A 443 16.43 -22.88 -18.83
C SER A 443 15.91 -23.34 -17.48
N SER A 445 14.99 -23.91 -13.57
CA SER A 445 14.43 -22.99 -12.59
C SER A 445 14.01 -23.78 -11.36
N GLU A 446 14.11 -23.12 -10.19
CA GLU A 446 13.65 -23.74 -8.96
C GLU A 446 12.13 -23.81 -8.90
N GLN A 447 11.45 -22.88 -9.59
CA GLN A 447 9.99 -22.92 -9.63
C GLN A 447 9.48 -24.13 -10.40
N LEU A 448 10.17 -24.50 -11.48
CA LEU A 448 9.77 -25.68 -12.25
C LEU A 448 10.03 -26.97 -11.50
N ASP A 449 10.91 -26.95 -10.49
CA ASP A 449 11.16 -28.14 -9.69
C ASP A 449 9.94 -28.54 -8.86
N ASN A 450 9.06 -27.59 -8.55
CA ASN A 450 7.84 -27.88 -7.81
C ASN A 450 6.71 -28.39 -8.70
N LEU A 451 6.95 -28.58 -9.99
CA LEU A 451 5.94 -29.06 -10.92
C LEU A 451 6.30 -30.46 -11.40
N LEU A 452 5.36 -31.39 -11.25
CA LEU A 452 5.53 -32.77 -11.69
C LEU A 452 4.33 -33.19 -12.53
N PRO A 453 4.55 -33.96 -13.59
CA PRO A 453 3.43 -34.37 -14.45
C PRO A 453 2.51 -35.34 -13.73
N ARG A 454 1.20 -35.12 -13.89
CA ARG A 454 0.18 -35.96 -13.28
C ARG A 454 -0.37 -37.02 -14.23
N ASP A 455 -0.48 -36.70 -15.51
CA ASP A 455 -1.04 -37.64 -16.47
C ASP A 455 -0.31 -37.55 -17.80
N PRO A 456 0.41 -38.59 -18.22
CA PRO A 456 1.06 -38.55 -19.54
C PRO A 456 0.08 -38.42 -20.68
N ASN A 457 -1.14 -38.94 -20.52
CA ASN A 457 -2.15 -38.82 -21.56
C ASN A 457 -2.85 -37.46 -21.54
N GLU A 458 -2.81 -36.76 -20.40
CA GLU A 458 -3.30 -35.38 -20.28
C GLU A 458 -2.10 -34.47 -20.04
N PRO A 459 -1.43 -33.98 -21.10
CA PRO A 459 -0.24 -33.14 -20.89
C PRO A 459 -0.57 -31.78 -20.29
N ILE A 460 -1.65 -31.71 -19.51
CA ILE A 460 -2.03 -30.50 -18.79
C ILE A 460 -2.03 -30.73 -17.28
N ALA A 461 -2.57 -31.86 -16.84
CA ALA A 461 -2.62 -32.15 -15.41
C ALA A 461 -1.21 -32.29 -14.84
N LEU A 462 -0.98 -31.65 -13.70
CA LEU A 462 0.32 -31.68 -13.06
C LEU A 462 0.14 -31.51 -11.55
N TYR A 463 1.13 -32.00 -10.81
CA TYR A 463 1.17 -31.85 -9.35
C TYR A 463 2.03 -30.64 -8.98
N PHE A 464 1.54 -29.87 -8.01
CA PHE A 464 2.23 -28.67 -7.55
C PHE A 464 2.78 -28.93 -6.15
N ARG A 465 4.09 -28.78 -6.00
CA ARG A 465 4.74 -28.96 -4.72
C ARG A 465 4.76 -27.64 -3.94
N ASP A 466 4.66 -27.76 -2.62
CA ASP A 466 4.72 -26.60 -1.74
C ASP A 466 5.19 -27.05 -0.37
N TYR A 467 5.94 -26.19 0.30
CA TYR A 467 6.47 -26.54 1.61
C TYR A 467 5.38 -26.64 2.66
N GLY A 468 4.27 -25.94 2.49
CA GLY A 468 3.20 -25.94 3.46
C GLY A 468 2.17 -27.03 3.25
N ALA A 469 2.56 -28.10 2.57
CA ALA A 469 1.66 -29.22 2.32
C ALA A 469 2.47 -30.45 1.96
N GLU A 470 2.15 -31.58 2.58
CA GLU A 470 2.80 -32.84 2.26
C GLU A 470 2.10 -33.59 1.14
N GLN A 471 0.85 -33.24 0.82
CA GLN A 471 0.13 -33.80 -0.31
C GLN A 471 0.17 -32.79 -1.45
N HIS A 472 0.77 -33.19 -2.57
CA HIS A 472 0.92 -32.30 -3.72
C HIS A 472 -0.45 -31.98 -4.31
N PHE A 473 -0.67 -30.70 -4.60
CA PHE A 473 -1.95 -30.28 -5.16
C PHE A 473 -2.07 -30.70 -6.61
N THR A 474 -3.23 -31.21 -6.99
CA THR A 474 -3.52 -31.45 -8.40
C THR A 474 -3.77 -30.13 -9.11
N GLY A 475 -3.17 -29.97 -10.28
CA GLY A 475 -3.26 -28.72 -11.00
C GLY A 475 -3.41 -28.96 -12.50
N GLU A 476 -3.55 -27.84 -13.22
CA GLU A 476 -3.67 -27.87 -14.68
C GLU A 476 -2.95 -26.66 -15.25
N PHE A 477 -2.23 -26.88 -16.36
CA PHE A 477 -1.54 -25.79 -17.03
C PHE A 477 -2.56 -24.80 -17.60
N GLY A 478 -2.19 -23.52 -17.57
CA GLY A 478 -3.04 -22.49 -18.12
C GLY A 478 -2.52 -21.94 -19.44
N GLY A 479 -2.74 -20.64 -19.66
CA GLY A 479 -2.28 -20.01 -20.88
C GLY A 479 -0.77 -19.75 -20.87
N ALA A 480 -0.31 -19.10 -21.93
CA ALA A 480 1.09 -18.76 -22.07
C ALA A 480 1.22 -17.53 -22.96
N LYS A 481 2.28 -16.76 -22.72
CA LYS A 481 2.54 -15.57 -23.52
C LYS A 481 4.04 -15.28 -23.51
N ILE A 482 4.60 -15.01 -24.69
CA ILE A 482 6.03 -14.75 -24.82
C ILE A 482 6.29 -13.29 -24.50
N GLN A 483 7.22 -13.05 -23.58
CA GLN A 483 7.51 -11.71 -23.09
C GLN A 483 8.98 -11.37 -23.26
N CYS A 484 9.27 -10.08 -23.18
CA CYS A 484 10.62 -9.54 -23.17
C CYS A 484 10.71 -8.49 -22.08
N ARG A 485 11.91 -7.97 -21.86
CA ARG A 485 12.13 -6.93 -20.86
C ARG A 485 12.60 -5.65 -21.54
N ARG A 486 12.18 -4.52 -20.98
CA ARG A 486 12.51 -3.22 -21.54
C ARG A 486 13.96 -2.82 -21.23
N TYR A 502 11.50 -15.27 -22.72
CA TYR A 502 10.61 -15.42 -21.56
C TYR A 502 9.23 -15.93 -21.99
N LEU A 503 8.64 -16.77 -21.14
CA LEU A 503 7.33 -17.34 -21.42
C LEU A 503 6.59 -17.49 -20.10
N ASN A 504 5.50 -16.74 -19.94
CA ASN A 504 4.71 -16.78 -18.71
C ASN A 504 3.75 -17.96 -18.78
N VAL A 505 4.02 -19.00 -18.01
CA VAL A 505 3.20 -20.20 -17.97
C VAL A 505 2.41 -20.17 -16.67
N SER A 506 1.13 -19.81 -16.76
CA SER A 506 0.27 -19.77 -15.59
C SER A 506 -0.14 -21.19 -15.21
N VAL A 507 0.02 -21.53 -13.93
CA VAL A 507 -0.29 -22.85 -13.41
C VAL A 507 -1.47 -22.69 -12.46
N ARG A 508 -2.61 -23.26 -12.82
CA ARG A 508 -3.80 -23.21 -11.98
C ARG A 508 -3.71 -24.31 -10.93
N VAL A 509 -3.37 -23.93 -9.71
CA VAL A 509 -3.26 -24.86 -8.59
C VAL A 509 -4.61 -24.98 -7.90
N GLN A 510 -5.03 -26.21 -7.64
CA GLN A 510 -6.32 -26.48 -7.01
C GLN A 510 -6.11 -26.76 -5.54
N SER A 511 -6.79 -26.00 -4.69
CA SER A 511 -6.66 -26.15 -3.24
C SER A 511 -7.21 -27.50 -2.79
N GLN A 512 -6.95 -27.83 -1.52
CA GLN A 512 -7.39 -29.11 -0.99
C GLN A 512 -8.91 -29.18 -0.91
N SER A 513 -9.56 -28.11 -0.43
CA SER A 513 -11.02 -28.12 -0.36
C SER A 513 -11.65 -28.11 -1.74
N GLU A 514 -11.01 -27.46 -2.72
CA GLU A 514 -11.54 -27.46 -4.07
C GLU A 514 -11.45 -28.84 -4.72
N ALA A 515 -10.49 -29.66 -4.28
CA ALA A 515 -10.37 -31.02 -4.80
C ALA A 515 -11.39 -31.97 -4.21
N ARG A 516 -11.86 -31.70 -3.00
CA ARG A 516 -12.89 -32.52 -2.37
C ARG A 516 -14.28 -32.22 -2.89
N GLY A 517 -14.42 -31.32 -3.87
CA GLY A 517 -15.71 -30.90 -4.36
C GLY A 517 -16.31 -29.73 -3.60
N GLU A 518 -15.60 -29.16 -2.64
CA GLU A 518 -16.10 -28.05 -1.85
C GLU A 518 -15.66 -26.73 -2.47
N ARG A 519 -16.61 -25.82 -2.65
CA ARG A 519 -16.31 -24.48 -3.13
C ARG A 519 -15.54 -23.71 -2.08
N ARG A 520 -16.22 -23.38 -0.98
CA ARG A 520 -15.58 -22.77 0.17
C ARG A 520 -15.17 -23.85 1.18
N PRO A 521 -14.12 -23.59 1.96
CA PRO A 521 -13.68 -24.58 2.96
C PRO A 521 -14.78 -24.85 3.98
N PRO A 522 -14.72 -26.00 4.66
CA PRO A 522 -15.75 -26.30 5.67
C PRO A 522 -15.79 -25.29 6.81
N TYR A 523 -14.69 -24.61 7.09
CA TYR A 523 -14.64 -23.62 8.16
C TYR A 523 -14.89 -22.20 7.67
N ALA A 524 -15.32 -22.03 6.41
CA ALA A 524 -15.62 -20.72 5.87
C ALA A 524 -17.00 -20.21 6.28
N ALA A 525 -17.82 -21.05 6.94
CA ALA A 525 -19.13 -20.64 7.39
C ALA A 525 -19.12 -20.06 8.80
N VAL A 526 -18.07 -20.31 9.58
CA VAL A 526 -17.99 -19.76 10.93
C VAL A 526 -17.72 -18.26 10.87
N PHE A 527 -16.92 -17.82 9.90
CA PHE A 527 -16.58 -16.42 9.73
C PHE A 527 -17.30 -15.85 8.52
N ARG A 528 -17.26 -14.52 8.40
CA ARG A 528 -17.90 -13.82 7.29
C ARG A 528 -17.01 -12.63 6.92
N LEU A 529 -16.15 -12.83 5.93
CA LEU A 529 -15.29 -11.77 5.44
C LEU A 529 -16.11 -10.80 4.59
N VAL A 530 -16.19 -9.55 5.05
CA VAL A 530 -17.08 -8.55 4.45
C VAL A 530 -16.25 -7.48 3.76
N GLY A 531 -16.68 -7.10 2.57
CA GLY A 531 -16.10 -5.95 1.89
C GLY A 531 -14.77 -6.24 1.24
N ASP A 532 -14.06 -5.15 0.92
CA ASP A 532 -12.78 -5.26 0.22
C ASP A 532 -11.68 -5.72 1.17
N ASN A 533 -11.60 -5.13 2.35
CA ASN A 533 -10.53 -5.41 3.30
C ASN A 533 -10.75 -6.69 4.10
N HIS A 534 -11.70 -7.53 3.69
CA HIS A 534 -11.98 -8.80 4.36
C HIS A 534 -12.23 -8.62 5.85
N ARG A 535 -13.25 -7.81 6.16
CA ARG A 535 -13.64 -7.60 7.55
C ARG A 535 -14.15 -8.90 8.15
N ALA A 536 -13.42 -9.45 9.12
CA ALA A 536 -13.74 -10.74 9.69
C ALA A 536 -14.78 -10.59 10.80
N PHE A 537 -15.97 -11.14 10.56
CA PHE A 537 -17.02 -11.23 11.57
C PHE A 537 -17.36 -12.69 11.79
N VAL A 538 -17.85 -13.01 12.99
CA VAL A 538 -18.03 -14.38 13.43
C VAL A 538 -19.51 -14.71 13.49
N HIS A 539 -19.86 -15.95 13.13
CA HIS A 539 -21.20 -16.49 13.30
C HIS A 539 -21.14 -17.46 14.48
N PHE A 540 -21.48 -16.96 15.67
CA PHE A 540 -21.34 -17.76 16.88
C PHE A 540 -22.37 -18.88 16.97
N ASP A 541 -23.44 -18.82 16.17
CA ASP A 541 -24.47 -19.85 16.23
C ASP A 541 -23.93 -21.19 15.77
N LYS A 542 -23.23 -21.20 14.63
CA LYS A 542 -22.68 -22.42 14.05
C LYS A 542 -21.30 -22.76 14.59
N LEU A 543 -20.81 -22.01 15.58
CA LEU A 543 -19.51 -22.33 16.16
C LEU A 543 -19.58 -23.56 17.05
N SER A 544 -20.65 -23.68 17.86
CA SER A 544 -20.80 -24.86 18.71
C SER A 544 -20.98 -26.12 17.89
N ASP A 545 -21.61 -26.01 16.71
CA ASP A 545 -21.81 -27.18 15.86
C ASP A 545 -20.53 -27.60 15.16
N TYR A 546 -19.55 -26.71 15.02
CA TYR A 546 -18.32 -27.04 14.30
C TYR A 546 -17.37 -27.85 15.18
N LEU A 547 -17.22 -27.47 16.45
CA LEU A 547 -16.33 -28.21 17.34
C LEU A 547 -16.85 -29.61 17.62
N ALA A 548 -18.17 -29.80 17.59
CA ALA A 548 -18.72 -31.14 17.76
C ALA A 548 -18.54 -32.00 16.52
N GLU A 549 -18.49 -31.38 15.33
CA GLU A 549 -18.23 -32.13 14.11
C GLU A 549 -16.74 -32.34 13.88
N HIS A 550 -15.93 -31.33 14.21
CA HIS A 550 -14.48 -31.37 14.00
C HIS A 550 -13.77 -31.22 15.34
N PRO A 551 -13.64 -32.29 16.12
CA PRO A 551 -12.85 -32.22 17.36
C PRO A 551 -11.37 -32.15 17.04
N ASP A 552 -10.60 -31.88 18.10
CA ASP A 552 -9.14 -31.74 17.97
C ASP A 552 -8.51 -33.12 18.08
N ASP A 553 -8.08 -33.67 16.94
CA ASP A 553 -7.31 -34.90 16.93
C ASP A 553 -5.80 -34.66 16.96
N GLY A 554 -5.37 -33.40 16.87
CA GLY A 554 -3.97 -33.08 16.99
C GLY A 554 -3.11 -33.46 15.81
N LYS A 555 -3.59 -33.25 14.58
CA LYS A 555 -2.80 -33.52 13.39
C LYS A 555 -2.03 -32.27 12.98
N LEU A 556 -0.73 -32.43 12.78
CA LEU A 556 0.14 -31.31 12.45
C LEU A 556 0.19 -31.09 10.94
N GLY A 557 0.72 -29.94 10.55
CA GLY A 557 0.87 -29.62 9.14
C GLY A 557 -0.45 -29.31 8.47
N SER A 558 -0.44 -29.40 7.14
CA SER A 558 -1.63 -29.13 6.34
C SER A 558 -2.71 -30.19 6.52
N GLU A 559 -2.39 -31.34 7.11
CA GLU A 559 -3.37 -32.39 7.29
C GLU A 559 -4.41 -32.05 8.36
N GLY A 560 -4.12 -31.09 9.24
CA GLY A 560 -5.01 -30.79 10.34
C GLY A 560 -5.92 -29.59 10.12
N LEU A 561 -6.20 -29.27 8.86
CA LEU A 561 -7.13 -28.16 8.57
C LEU A 561 -8.55 -28.48 9.00
N LEU A 562 -8.90 -29.77 9.09
CA LEU A 562 -10.23 -30.18 9.52
C LEU A 562 -10.26 -30.52 11.01
N SER A 563 -9.22 -30.17 11.75
CA SER A 563 -9.10 -30.51 13.17
C SER A 563 -9.23 -29.22 13.99
N GLY A 564 -10.29 -29.14 14.78
CA GLY A 564 -10.49 -28.00 15.65
C GLY A 564 -10.72 -26.70 14.90
N LEU A 565 -10.39 -25.60 15.57
CA LEU A 565 -10.55 -24.26 14.99
C LEU A 565 -9.58 -23.33 15.70
N ARG A 566 -8.68 -22.72 14.92
CA ARG A 566 -7.68 -21.81 15.47
C ARG A 566 -7.62 -20.55 14.62
N VAL A 567 -7.34 -19.43 15.29
CA VAL A 567 -7.26 -18.12 14.66
C VAL A 567 -5.95 -17.46 15.06
N SER A 569 -3.78 -14.04 15.05
CA SER A 569 -3.83 -12.60 14.90
C SER A 569 -2.42 -12.07 14.67
N VAL A 570 -2.25 -11.33 13.57
CA VAL A 570 -0.95 -10.80 13.17
C VAL A 570 -0.98 -9.29 13.28
N ASP A 571 0.07 -8.71 13.85
CA ASP A 571 0.22 -7.26 13.98
C ASP A 571 1.57 -6.88 13.37
N LEU A 572 1.54 -6.37 12.15
CA LEU A 572 2.77 -5.98 11.45
C LEU A 572 3.40 -4.79 12.15
N GLY A 573 4.66 -4.94 12.57
CA GLY A 573 5.34 -3.91 13.32
C GLY A 573 6.65 -3.51 12.68
N LEU A 574 7.26 -2.46 13.23
CA LEU A 574 8.52 -1.95 12.73
C LEU A 574 9.69 -2.83 13.15
N ARG A 575 9.91 -2.97 14.46
CA ARG A 575 11.07 -3.71 14.95
C ARG A 575 10.93 -5.19 14.64
N THR A 576 9.91 -5.85 15.19
CA THR A 576 9.60 -7.22 14.82
C THR A 576 8.72 -7.20 13.57
N SER A 577 9.08 -8.02 12.58
CA SER A 577 8.36 -8.00 11.31
C SER A 577 6.90 -8.42 11.48
N ALA A 578 6.62 -9.32 12.40
CA ALA A 578 5.26 -9.78 12.63
C ALA A 578 5.17 -10.41 14.02
N SER A 579 4.24 -9.94 14.83
CA SER A 579 3.95 -10.50 16.14
C SER A 579 2.62 -11.24 16.06
N ILE A 580 2.66 -12.56 16.27
CA ILE A 580 1.49 -13.40 16.08
C ILE A 580 1.09 -14.02 17.42
N SER A 581 -0.18 -14.44 17.49
CA SER A 581 -0.71 -15.11 18.67
C SER A 581 -1.75 -16.12 18.22
N VAL A 582 -1.63 -17.36 18.70
CA VAL A 582 -2.52 -18.45 18.30
C VAL A 582 -3.52 -18.70 19.41
N PHE A 583 -4.80 -18.73 19.05
CA PHE A 583 -5.88 -19.02 20.00
C PHE A 583 -6.72 -20.17 19.45
N ARG A 584 -6.87 -21.21 20.24
CA ARG A 584 -7.73 -22.34 19.90
C ARG A 584 -9.01 -22.27 20.72
N VAL A 585 -10.06 -22.90 20.18
CA VAL A 585 -11.38 -22.91 20.80
C VAL A 585 -11.60 -24.29 21.41
N ALA A 586 -11.70 -24.35 22.73
CA ALA A 586 -11.92 -25.59 23.45
C ALA A 586 -12.98 -25.37 24.51
N ARG A 587 -13.62 -26.46 24.93
CA ARG A 587 -14.67 -26.44 25.93
C ARG A 587 -14.13 -26.85 27.29
N LYS A 588 -14.89 -26.52 28.33
CA LYS A 588 -14.50 -26.76 29.72
C LYS A 588 -13.15 -26.13 30.00
N ASP A 589 -12.18 -26.94 30.44
CA ASP A 589 -10.82 -26.47 30.66
C ASP A 589 -9.88 -27.66 30.58
N GLU A 590 -8.58 -27.36 30.62
CA GLU A 590 -7.56 -28.39 30.52
C GLU A 590 -6.28 -27.84 31.13
N LEU A 591 -5.30 -28.74 31.29
CA LEU A 591 -3.97 -28.38 31.79
C LEU A 591 -4.03 -27.72 33.16
N LYS A 596 3.58 -27.52 33.27
CA LYS A 596 3.34 -28.80 33.93
C LYS A 596 2.21 -28.69 34.95
N GLY A 597 1.84 -27.46 35.30
CA GLY A 597 0.79 -27.23 36.26
C GLY A 597 0.13 -25.88 36.15
N ARG A 598 0.59 -25.07 35.20
CA ARG A 598 0.03 -23.74 35.01
C ARG A 598 -1.23 -23.80 34.16
N VAL A 599 -2.00 -22.72 34.20
CA VAL A 599 -3.27 -22.60 33.49
C VAL A 599 -3.07 -21.65 32.32
N PRO A 600 -3.39 -22.03 31.09
CA PRO A 600 -3.18 -21.14 29.95
C PRO A 600 -4.14 -19.96 29.97
N PHE A 601 -3.72 -18.90 29.28
CA PHE A 601 -4.55 -17.72 29.13
C PHE A 601 -5.70 -17.99 28.17
N PHE A 602 -6.83 -17.32 28.39
CA PHE A 602 -8.01 -17.56 27.59
C PHE A 602 -8.82 -16.27 27.45
N PHE A 603 -9.66 -16.23 26.41
CA PHE A 603 -10.48 -15.08 26.09
C PHE A 603 -11.94 -15.52 25.98
N PRO A 604 -12.88 -14.79 26.57
CA PRO A 604 -14.29 -15.18 26.48
C PRO A 604 -14.83 -14.93 25.07
N ILE A 605 -15.65 -15.87 24.60
CA ILE A 605 -16.27 -15.80 23.28
C ILE A 605 -17.74 -15.46 23.47
N LYS A 606 -18.21 -14.48 22.71
CA LYS A 606 -19.60 -14.04 22.80
C LYS A 606 -20.54 -15.16 22.34
N GLY A 607 -21.63 -15.33 23.08
CA GLY A 607 -22.63 -16.31 22.73
C GLY A 607 -22.50 -17.61 23.50
N ASN A 608 -21.47 -18.39 23.18
CA ASN A 608 -21.27 -19.67 23.83
C ASN A 608 -20.56 -19.49 25.17
N ASP A 609 -21.15 -20.05 26.22
CA ASP A 609 -20.57 -19.99 27.56
C ASP A 609 -19.80 -21.24 27.93
N ASN A 610 -19.85 -22.29 27.12
CA ASN A 610 -19.11 -23.52 27.39
C ASN A 610 -17.71 -23.47 26.81
N LEU A 611 -17.58 -23.05 25.56
CA LEU A 611 -16.29 -22.95 24.90
C LEU A 611 -15.71 -21.54 25.06
N VAL A 612 -14.39 -21.47 25.14
CA VAL A 612 -13.68 -20.21 25.36
C VAL A 612 -12.35 -20.29 24.62
N ALA A 613 -12.01 -19.23 23.89
CA ALA A 613 -10.79 -19.19 23.10
C ALA A 613 -9.55 -19.30 23.98
N VAL A 614 -8.85 -20.42 23.90
CA VAL A 614 -7.67 -20.68 24.71
C VAL A 614 -6.43 -20.26 23.94
N HIS A 615 -5.56 -19.50 24.58
CA HIS A 615 -4.30 -19.08 23.97
C HIS A 615 -3.40 -20.29 23.81
N GLU A 616 -2.98 -20.57 22.57
CA GLU A 616 -2.14 -21.72 22.31
C GLU A 616 -0.67 -21.35 22.27
N ARG A 617 -0.30 -20.36 21.47
CA ARG A 617 1.08 -19.93 21.38
C ARG A 617 1.14 -18.52 20.80
N SER A 618 2.17 -17.78 21.18
CA SER A 618 2.43 -16.44 20.66
C SER A 618 3.93 -16.24 20.55
N GLN A 619 4.39 -15.81 19.39
CA GLN A 619 5.81 -15.66 19.11
C GLN A 619 6.05 -14.45 18.22
N LEU A 620 7.31 -14.04 18.14
CA LEU A 620 7.73 -12.93 17.30
C LEU A 620 8.34 -13.48 16.01
N LEU A 621 7.73 -13.12 14.88
CA LEU A 621 8.25 -13.54 13.57
C LEU A 621 9.18 -12.44 13.06
N LYS A 622 10.47 -12.74 13.01
CA LYS A 622 11.49 -11.78 12.65
C LYS A 622 12.14 -12.19 11.33
N LEU A 623 12.05 -11.32 10.33
CA LEU A 623 12.79 -11.53 9.10
C LEU A 623 14.27 -11.25 9.35
N PRO A 624 15.16 -11.81 8.53
CA PRO A 624 16.59 -11.57 8.72
C PRO A 624 16.91 -10.08 8.66
N GLY A 625 17.41 -9.55 9.78
CA GLY A 625 17.87 -8.18 9.83
C GLY A 625 17.27 -7.36 10.94
N GLU A 626 16.46 -8.00 11.80
CA GLU A 626 15.75 -7.31 12.86
C GLU A 626 16.25 -7.69 14.25
N THR A 627 17.38 -8.39 14.34
CA THR A 627 18.00 -8.73 15.61
C THR A 627 19.07 -7.69 15.93
N GLU A 628 19.04 -7.18 17.16
CA GLU A 628 19.94 -6.11 17.60
C GLU A 628 20.94 -6.68 18.59
N SER A 629 22.23 -6.55 18.26
CA SER A 629 23.32 -6.93 19.15
C SER A 629 24.29 -5.76 19.27
N LYS A 630 25.37 -5.98 20.02
CA LYS A 630 26.34 -4.91 20.22
C LYS A 630 27.16 -4.67 18.96
N ASP A 631 27.68 -5.75 18.36
CA ASP A 631 28.52 -5.58 17.17
C ASP A 631 27.71 -5.21 15.95
N LEU A 632 26.44 -5.64 15.88
CA LEU A 632 25.60 -5.27 14.74
C LEU A 632 25.30 -3.77 14.74
N ARG A 633 25.08 -3.19 15.92
CA ARG A 633 24.82 -1.76 16.00
C ARG A 633 26.02 -0.95 15.52
N ALA A 634 27.23 -1.41 15.85
CA ALA A 634 28.43 -0.71 15.41
C ALA A 634 28.56 -0.72 13.90
N ILE A 635 28.14 -1.81 13.26
CA ILE A 635 28.17 -1.88 11.80
C ILE A 635 27.14 -0.96 11.21
N ARG A 636 25.94 -0.91 11.81
CA ARG A 636 24.88 -0.06 11.29
C ARG A 636 25.17 1.42 11.52
N GLU A 637 25.96 1.74 12.54
CA GLU A 637 26.25 3.15 12.83
C GLU A 637 27.24 3.73 11.84
N GLU A 638 28.26 2.96 11.46
CA GLU A 638 29.28 3.49 10.56
C GLU A 638 28.82 3.56 9.11
N ARG A 639 27.94 2.66 8.69
CA ARG A 639 27.41 2.73 7.33
C ARG A 639 26.42 3.87 7.16
N GLN A 640 25.87 4.40 8.25
CA GLN A 640 24.97 5.54 8.20
C GLN A 640 25.65 6.85 8.55
N ARG A 641 26.78 6.82 9.27
CA ARG A 641 27.43 8.04 9.69
C ARG A 641 27.97 8.84 8.50
N THR A 642 28.46 8.15 7.47
CA THR A 642 28.94 8.86 6.29
C THR A 642 27.80 9.53 5.54
N LEU A 643 26.65 8.86 5.46
CA LEU A 643 25.47 9.49 4.88
C LEU A 643 24.88 10.54 5.82
N ARG A 644 24.98 10.32 7.13
CA ARG A 644 24.56 11.33 8.10
C ARG A 644 25.34 12.63 7.90
N GLN A 645 26.63 12.52 7.57
CA GLN A 645 27.44 13.71 7.36
C GLN A 645 27.11 14.37 6.03
N LEU A 646 26.94 13.58 4.97
CA LEU A 646 26.67 14.15 3.66
C LEU A 646 25.27 14.75 3.56
N ARG A 647 24.30 14.17 4.26
CA ARG A 647 22.93 14.68 4.16
C ARG A 647 22.76 15.99 4.91
N THR A 648 23.35 16.09 6.10
CA THR A 648 23.27 17.34 6.87
C THR A 648 24.12 18.44 6.24
N GLN A 649 25.15 18.08 5.46
CA GLN A 649 25.94 19.09 4.77
C GLN A 649 25.10 19.83 3.74
N LEU A 650 24.25 19.10 3.01
CA LEU A 650 23.40 19.73 2.00
C LEU A 650 22.45 20.74 2.63
N ALA A 651 22.01 20.48 3.87
CA ALA A 651 21.16 21.44 4.56
C ALA A 651 21.89 22.74 4.85
N TYR A 652 23.19 22.67 5.12
CA TYR A 652 23.97 23.89 5.34
C TYR A 652 24.31 24.58 4.02
N LEU A 653 24.49 23.81 2.94
CA LEU A 653 24.71 24.43 1.64
C LEU A 653 23.45 25.13 1.15
N ARG A 654 22.27 24.54 1.41
CA ARG A 654 21.02 25.19 1.06
C ARG A 654 20.75 26.40 1.93
N LEU A 655 21.40 26.51 3.10
CA LEU A 655 21.33 27.73 3.87
C LEU A 655 22.25 28.81 3.33
N LEU A 656 23.34 28.41 2.66
CA LEU A 656 24.27 29.38 2.09
C LEU A 656 23.74 29.97 0.79
N VAL A 657 22.98 29.18 0.02
CA VAL A 657 22.43 29.69 -1.24
C VAL A 657 21.38 30.77 -0.99
N ARG A 658 20.81 30.82 0.22
CA ARG A 658 19.86 31.87 0.53
C ARG A 658 20.58 33.20 0.75
N CYS A 659 21.76 33.18 1.35
CA CYS A 659 22.52 34.39 1.60
C CYS A 659 23.00 35.07 0.32
N GLY A 660 22.84 34.43 -0.84
CA GLY A 660 23.21 35.05 -2.09
C GLY A 660 22.03 35.62 -2.85
N SER A 661 21.02 36.08 -2.11
CA SER A 661 19.82 36.64 -2.72
C SER A 661 19.52 38.03 -2.16
N GLU A 662 18.33 38.56 -2.46
CA GLU A 662 17.95 39.91 -2.06
C GLU A 662 16.93 39.97 -0.94
N ASP A 663 16.07 38.95 -0.82
CA ASP A 663 15.04 38.97 0.20
C ASP A 663 15.66 38.83 1.59
N VAL A 664 15.01 39.46 2.58
CA VAL A 664 15.52 39.39 3.94
C VAL A 664 15.40 37.99 4.50
N GLY A 665 14.36 37.24 4.10
CA GLY A 665 14.23 35.87 4.55
C GLY A 665 15.35 34.98 4.06
N ARG A 666 15.91 35.29 2.89
CA ARG A 666 17.03 34.54 2.34
C ARG A 666 18.36 35.07 2.86
N ARG A 667 18.55 36.38 2.83
CA ARG A 667 19.82 36.98 3.23
C ARG A 667 19.89 37.21 4.73
N GLU A 668 18.98 38.05 5.26
CA GLU A 668 19.08 38.47 6.66
C GLU A 668 18.87 37.31 7.62
N ARG A 669 17.78 36.54 7.44
CA ARG A 669 17.43 35.53 8.43
C ARG A 669 18.40 34.36 8.40
N SER A 670 18.78 33.89 7.21
CA SER A 670 19.71 32.77 7.13
C SER A 670 21.13 33.16 7.54
N TRP A 671 21.45 34.46 7.51
CA TRP A 671 22.79 34.89 7.89
C TRP A 671 22.99 34.78 9.40
N ALA A 672 22.08 35.36 10.18
CA ALA A 672 22.22 35.40 11.63
C ALA A 672 22.09 34.03 12.26
N LYS A 673 21.50 33.05 11.56
CA LYS A 673 21.33 31.72 12.13
C LYS A 673 22.67 31.01 12.27
N LEU A 674 23.40 30.87 11.16
CA LEU A 674 24.66 30.13 11.16
C LEU A 674 25.79 30.87 11.85
N ILE A 675 25.58 32.09 12.31
CA ILE A 675 26.60 32.83 13.04
C ILE A 675 26.16 33.07 14.48
N ALA A 682 27.70 17.22 18.52
CA ALA A 682 27.69 18.47 17.78
C ALA A 682 28.70 18.43 16.64
N ASN A 683 29.30 17.28 16.42
CA ASN A 683 30.29 17.07 15.37
C ASN A 683 29.79 15.96 14.45
N HIS A 684 28.74 16.25 13.69
CA HIS A 684 28.15 15.31 12.75
C HIS A 684 28.48 15.67 11.30
N THR A 686 31.64 16.09 8.11
CA THR A 686 32.95 15.62 7.69
C THR A 686 33.99 16.66 8.06
N PRO A 687 35.02 16.33 8.84
CA PRO A 687 36.02 17.34 9.22
C PRO A 687 36.73 17.96 8.04
N ASP A 688 36.78 17.28 6.88
CA ASP A 688 37.39 17.86 5.70
C ASP A 688 36.55 19.02 5.16
N TRP A 689 35.25 18.79 4.99
CA TRP A 689 34.37 19.84 4.46
C TRP A 689 33.99 20.85 5.51
N ARG A 690 34.00 20.47 6.79
CA ARG A 690 33.66 21.42 7.86
C ARG A 690 34.69 22.54 7.93
N GLU A 691 35.97 22.22 7.74
CA GLU A 691 37.00 23.24 7.78
C GLU A 691 36.89 24.19 6.60
N ALA A 692 36.54 23.67 5.43
CA ALA A 692 36.40 24.52 4.25
C ALA A 692 35.12 25.34 4.30
N PHE A 693 34.10 24.86 5.02
CA PHE A 693 32.86 25.61 5.13
C PHE A 693 33.02 26.82 6.04
N GLU A 694 33.76 26.66 7.14
CA GLU A 694 34.00 27.80 8.03
C GLU A 694 34.91 28.83 7.40
N ASN A 695 35.76 28.42 6.45
CA ASN A 695 36.64 29.38 5.78
C ASN A 695 35.84 30.31 4.89
N GLU A 696 34.94 29.76 4.06
CA GLU A 696 34.14 30.60 3.17
C GLU A 696 33.13 31.43 3.97
N LEU A 697 32.73 30.97 5.15
CA LEU A 697 31.87 31.78 6.01
C LEU A 697 32.60 33.03 6.49
N GLN A 698 33.76 32.84 7.13
CA GLN A 698 34.50 33.97 7.69
C GLN A 698 34.96 34.93 6.60
N LYS A 699 35.19 34.44 5.39
CA LYS A 699 35.53 35.33 4.29
C LYS A 699 34.34 36.19 3.87
N LEU A 700 33.12 35.66 4.01
CA LEU A 700 31.92 36.43 3.71
C LEU A 700 31.45 37.26 4.89
N LYS A 701 31.94 36.98 6.11
CA LYS A 701 31.58 37.80 7.25
C LYS A 701 32.16 39.21 7.13
N SER A 702 33.30 39.35 6.45
CA SER A 702 33.93 40.66 6.27
C SER A 702 33.43 41.33 5.00
N ASP A 714 25.65 37.75 -5.51
CA ASP A 714 26.73 37.34 -6.41
C ASP A 714 28.02 37.08 -5.65
N ALA A 715 28.20 37.78 -4.53
CA ALA A 715 29.37 37.55 -3.68
C ALA A 715 29.32 36.16 -3.06
N VAL A 716 28.14 35.74 -2.60
CA VAL A 716 27.99 34.40 -2.08
C VAL A 716 27.89 33.36 -3.20
N TYR A 717 27.58 33.79 -4.43
CA TYR A 717 27.46 32.85 -5.53
C TYR A 717 28.76 32.13 -5.82
N GLU A 718 29.90 32.79 -5.56
CA GLU A 718 31.19 32.10 -5.70
C GLU A 718 31.39 31.09 -4.58
N SER A 719 31.04 31.47 -3.34
CA SER A 719 31.22 30.56 -2.22
C SER A 719 30.23 29.40 -2.29
N VAL A 720 28.99 29.66 -2.72
CA VAL A 720 28.01 28.60 -2.80
C VAL A 720 28.34 27.60 -3.89
N ARG A 721 29.21 27.97 -4.83
CA ARG A 721 29.64 27.06 -5.89
C ARG A 721 31.05 26.53 -5.70
N ARG A 722 31.81 27.06 -4.75
CA ARG A 722 33.10 26.48 -4.40
C ARG A 722 32.97 25.39 -3.34
N VAL A 723 32.01 25.52 -2.43
CA VAL A 723 31.75 24.44 -1.48
C VAL A 723 30.95 23.32 -2.13
N TRP A 724 30.12 23.64 -3.12
CA TRP A 724 29.39 22.60 -3.84
C TRP A 724 30.33 21.66 -4.57
N ARG A 725 31.43 22.19 -5.10
CA ARG A 725 32.45 21.34 -5.72
C ARG A 725 33.18 20.49 -4.69
N HIS A 726 33.20 20.91 -3.42
CA HIS A 726 33.85 20.13 -2.39
C HIS A 726 33.09 18.85 -2.09
N GLY A 728 31.16 17.39 -4.21
CA GLY A 728 31.34 16.58 -5.40
C GLY A 728 32.52 15.64 -5.29
N LYS A 729 33.56 16.05 -4.57
CA LYS A 729 34.65 15.13 -4.27
C LYS A 729 34.24 14.11 -3.22
N GLN A 730 33.47 14.54 -2.22
CA GLN A 730 33.07 13.65 -1.13
C GLN A 730 31.94 12.72 -1.55
N VAL A 731 30.94 13.26 -2.26
CA VAL A 731 29.80 12.43 -2.66
C VAL A 731 30.17 11.45 -3.75
N ARG A 732 31.26 11.70 -4.49
CA ARG A 732 31.70 10.73 -5.50
C ARG A 732 32.49 9.60 -4.86
N ASP A 733 33.46 9.94 -4.01
CA ASP A 733 34.21 8.91 -3.29
C ASP A 733 33.32 8.07 -2.40
N TRP A 734 32.17 8.61 -1.99
CA TRP A 734 31.19 7.84 -1.22
C TRP A 734 30.25 7.04 -2.11
N ARG A 735 29.89 7.57 -3.29
CA ARG A 735 29.02 6.85 -4.19
C ARG A 735 29.70 5.61 -4.75
N LYS A 736 30.95 5.74 -5.18
CA LYS A 736 31.69 4.58 -5.68
C LYS A 736 32.01 3.60 -4.57
N ASP A 737 32.16 4.09 -3.33
CA ASP A 737 32.37 3.19 -2.21
C ASP A 737 31.12 2.35 -1.94
N VAL A 738 29.94 2.89 -2.24
CA VAL A 738 28.70 2.13 -2.09
C VAL A 738 28.38 1.35 -3.37
N ARG A 739 28.70 1.91 -4.54
CA ARG A 739 28.33 1.26 -5.79
C ARG A 739 29.23 0.06 -6.10
N SER A 740 30.52 0.15 -5.77
CA SER A 740 31.45 -0.92 -6.11
C SER A 740 32.36 -1.35 -4.95
N GLY A 741 32.23 -0.73 -3.77
CA GLY A 741 33.07 -1.11 -2.66
C GLY A 741 32.77 -2.51 -2.17
N GLU A 742 33.81 -3.21 -1.74
CA GLU A 742 33.68 -4.58 -1.26
C GLU A 742 33.54 -4.58 0.26
N ARG A 743 32.57 -5.34 0.75
CA ARG A 743 32.30 -5.50 2.17
C ARG A 743 32.05 -6.97 2.43
N PRO A 744 32.11 -7.41 3.69
CA PRO A 744 31.73 -8.79 4.00
C PRO A 744 30.32 -9.09 3.52
N LYS A 745 30.12 -10.32 3.05
CA LYS A 745 28.83 -10.75 2.55
C LYS A 745 28.51 -12.13 3.12
N ILE A 746 27.22 -12.38 3.33
CA ILE A 746 26.76 -13.60 3.99
C ILE A 746 27.02 -14.79 3.08
N ARG A 747 27.76 -15.77 3.59
CA ARG A 747 27.97 -17.04 2.91
C ARG A 747 27.16 -18.12 3.63
N GLY A 748 26.32 -18.83 2.87
CA GLY A 748 25.46 -19.81 3.49
C GLY A 748 24.37 -19.15 4.31
N TYR A 749 23.97 -19.83 5.39
CA TYR A 749 22.99 -19.31 6.33
C TYR A 749 23.74 -18.69 7.50
N ALA A 750 23.55 -17.39 7.69
CA ALA A 750 24.20 -16.66 8.77
C ALA A 750 23.15 -15.86 9.52
N LYS A 751 23.03 -16.11 10.82
CA LYS A 751 22.18 -15.29 11.67
C LYS A 751 22.94 -14.02 12.07
N ASP A 752 22.23 -13.11 12.73
CA ASP A 752 22.76 -11.78 13.08
C ASP A 752 23.23 -11.03 11.82
N VAL A 753 22.29 -10.83 10.89
CA VAL A 753 22.60 -10.10 9.68
C VAL A 753 22.55 -8.61 9.95
N VAL A 754 23.21 -7.84 9.07
CA VAL A 754 23.33 -6.39 9.24
C VAL A 754 21.97 -5.74 9.08
N GLY A 755 21.44 -5.73 7.86
CA GLY A 755 20.15 -5.14 7.60
C GLY A 755 19.13 -6.15 7.09
N GLY A 756 19.57 -7.03 6.19
CA GLY A 756 18.71 -8.09 5.69
C GLY A 756 17.44 -7.56 5.08
N ASN A 757 16.33 -8.23 5.38
CA ASN A 757 15.02 -7.85 4.88
C ASN A 757 14.29 -6.89 5.82
N SER A 758 14.99 -6.29 6.77
CA SER A 758 14.35 -5.36 7.69
C SER A 758 13.98 -4.06 6.98
N ILE A 759 13.12 -3.28 7.65
CA ILE A 759 12.73 -1.98 7.10
C ILE A 759 13.92 -1.02 7.13
N GLU A 760 14.85 -1.20 8.07
CA GLU A 760 16.05 -0.38 8.10
C GLU A 760 16.83 -0.48 6.79
N GLN A 761 16.87 -1.68 6.21
CA GLN A 761 17.53 -1.84 4.91
C GLN A 761 16.73 -1.18 3.80
N ILE A 762 15.41 -1.14 3.93
CA ILE A 762 14.59 -0.48 2.92
C ILE A 762 14.71 1.03 3.02
N GLU A 763 14.70 1.57 4.25
CA GLU A 763 14.89 3.00 4.43
C GLU A 763 16.28 3.44 3.99
N TYR A 764 17.28 2.57 4.16
CA TYR A 764 18.64 2.91 3.73
C TYR A 764 18.70 3.05 2.21
N LEU A 765 18.10 2.11 1.48
CA LEU A 765 18.05 2.23 0.03
C LEU A 765 17.23 3.44 -0.40
N GLU A 766 16.17 3.77 0.34
CA GLU A 766 15.36 4.93 -0.01
C GLU A 766 16.07 6.22 0.35
N ARG A 767 16.76 6.26 1.50
CA ARG A 767 17.43 7.49 1.91
C ARG A 767 18.56 7.86 0.94
N GLN A 768 19.15 6.87 0.27
CA GLN A 768 20.13 7.16 -0.77
C GLN A 768 19.46 7.80 -1.98
N TYR A 769 18.35 7.19 -2.44
CA TYR A 769 17.64 7.74 -3.60
C TYR A 769 17.10 9.13 -3.30
N LYS A 770 16.60 9.34 -2.08
CA LYS A 770 16.14 10.66 -1.69
C LYS A 770 17.28 11.66 -1.55
N PHE A 771 18.51 11.19 -1.36
CA PHE A 771 19.65 12.09 -1.26
C PHE A 771 20.20 12.45 -2.63
N LEU A 772 20.36 11.46 -3.51
CA LEU A 772 20.84 11.74 -4.86
C LEU A 772 19.84 12.61 -5.62
N LYS A 773 18.55 12.42 -5.39
CA LYS A 773 17.54 13.26 -6.03
C LYS A 773 17.57 14.69 -5.50
N SER A 774 17.88 14.86 -4.21
CA SER A 774 17.96 16.18 -3.61
C SER A 774 19.31 16.86 -3.80
N TRP A 775 20.34 16.10 -4.16
CA TRP A 775 21.67 16.67 -4.40
C TRP A 775 21.85 17.10 -5.85
N SER A 776 21.50 16.23 -6.80
CA SER A 776 21.67 16.57 -8.21
C SER A 776 20.74 17.71 -8.63
N PHE A 777 19.55 17.78 -8.06
CA PHE A 777 18.59 18.85 -8.35
C PHE A 777 18.76 20.05 -7.42
N PHE A 778 20.01 20.43 -7.13
CA PHE A 778 20.29 21.56 -6.26
C PHE A 778 20.01 22.87 -6.97
N ARG A 793 14.06 9.87 -16.34
CA ARG A 793 14.57 8.76 -15.54
C ARG A 793 15.65 9.25 -14.58
N PHE A 794 15.76 8.59 -13.43
CA PHE A 794 16.74 8.98 -12.42
C PHE A 794 17.12 7.77 -11.60
N ALA A 795 18.41 7.41 -11.64
CA ALA A 795 18.95 6.27 -10.89
C ALA A 795 18.14 5.01 -11.16
N ILE A 796 18.11 4.62 -12.44
CA ILE A 796 17.31 3.46 -12.84
C ILE A 796 17.83 2.19 -12.21
N THR A 797 19.14 2.11 -11.97
CA THR A 797 19.70 0.91 -11.36
C THR A 797 19.41 0.84 -9.87
N LEU A 798 19.45 1.99 -9.18
CA LEU A 798 19.14 2.01 -7.76
C LEU A 798 17.64 1.88 -7.51
N ARG A 799 16.83 2.61 -8.28
CA ARG A 799 15.37 2.54 -8.11
C ARG A 799 14.87 1.12 -8.32
N GLU A 800 15.30 0.46 -9.41
CA GLU A 800 14.90 -0.92 -9.65
C GLU A 800 15.40 -1.84 -8.55
N HIS A 801 16.53 -1.50 -7.90
CA HIS A 801 17.00 -2.29 -6.78
C HIS A 801 16.16 -2.05 -5.54
N ILE A 802 15.62 -0.84 -5.38
CA ILE A 802 14.77 -0.57 -4.22
C ILE A 802 13.45 -1.31 -4.34
N ASP A 803 12.84 -1.30 -5.53
CA ASP A 803 11.58 -2.03 -5.71
C ASP A 803 11.78 -3.53 -5.58
N HIS A 804 12.92 -4.05 -6.01
CA HIS A 804 13.18 -5.48 -5.90
C HIS A 804 13.32 -5.90 -4.44
N ALA A 805 14.12 -5.16 -3.66
CA ALA A 805 14.24 -5.46 -2.24
C ALA A 805 12.90 -5.26 -1.52
N LYS A 806 12.11 -4.28 -1.95
CA LYS A 806 10.79 -4.08 -1.38
C LYS A 806 9.84 -5.20 -1.78
N GLU A 807 9.89 -5.62 -3.05
CA GLU A 807 9.05 -6.73 -3.50
C GLU A 807 9.49 -8.03 -2.84
N ASP A 808 10.80 -8.20 -2.61
CA ASP A 808 11.29 -9.41 -1.97
C ASP A 808 10.86 -9.49 -0.51
N ARG A 809 10.70 -8.34 0.15
CA ARG A 809 10.25 -8.35 1.54
C ARG A 809 8.79 -8.78 1.65
N LEU A 810 7.93 -8.27 0.75
CA LEU A 810 6.51 -8.62 0.81
C LEU A 810 6.29 -10.11 0.56
N LYS A 811 7.01 -10.68 -0.39
CA LYS A 811 6.86 -12.10 -0.68
C LYS A 811 7.37 -12.96 0.46
N LYS A 812 8.50 -12.58 1.06
CA LYS A 812 9.04 -13.37 2.16
C LYS A 812 8.21 -13.22 3.43
N LEU A 813 7.69 -12.02 3.68
CA LEU A 813 6.90 -11.80 4.88
C LEU A 813 5.53 -12.43 4.79
N ALA A 814 4.98 -12.55 3.58
CA ALA A 814 3.68 -13.19 3.41
C ALA A 814 3.79 -14.71 3.54
N ASP A 815 4.93 -15.29 3.14
CA ASP A 815 5.11 -16.72 3.26
C ASP A 815 5.39 -17.14 4.69
N ARG A 816 6.15 -16.32 5.44
CA ARG A 816 6.46 -16.68 6.82
C ARG A 816 5.24 -16.62 7.72
N ILE A 817 4.31 -15.70 7.45
CA ILE A 817 3.06 -15.67 8.21
C ILE A 817 2.22 -16.90 7.89
N ILE A 818 2.20 -17.32 6.62
CA ILE A 818 1.41 -18.48 6.23
C ILE A 818 2.02 -19.76 6.77
N GLU A 820 3.71 -20.11 9.36
CA GLU A 820 3.40 -20.15 10.79
C GLU A 820 1.94 -20.45 11.06
N ALA A 821 1.04 -19.97 10.19
CA ALA A 821 -0.37 -20.28 10.35
C ALA A 821 -0.65 -21.76 10.14
N LEU A 822 0.15 -22.41 9.30
CA LEU A 822 0.00 -23.84 9.04
C LEU A 822 0.74 -24.71 10.06
N GLY A 823 1.63 -24.12 10.86
CA GLY A 823 2.34 -24.87 11.87
C GLY A 823 3.73 -25.34 11.49
N TYR A 824 4.26 -24.90 10.35
CA TYR A 824 5.60 -25.29 9.92
C TYR A 824 6.64 -24.35 10.49
N VAL A 825 7.76 -24.90 10.93
CA VAL A 825 8.84 -24.15 11.55
C VAL A 825 10.14 -24.49 10.82
N TYR A 826 10.85 -23.45 10.37
CA TYR A 826 12.14 -23.62 9.69
C TYR A 826 13.22 -23.77 10.77
N ALA A 827 13.68 -24.99 10.99
CA ALA A 827 14.66 -25.30 12.02
C ALA A 827 16.00 -25.68 11.39
N LEU A 828 17.03 -25.69 12.22
CA LEU A 828 18.37 -26.04 11.78
C LEU A 828 18.86 -27.33 12.43
N LYS A 833 19.87 -29.22 9.09
CA LYS A 833 20.34 -27.90 8.68
C LYS A 833 19.43 -27.31 7.61
N GLY A 834 18.49 -26.46 8.03
CA GLY A 834 17.57 -25.83 7.12
C GLY A 834 16.54 -26.78 6.55
N LYS A 835 15.41 -26.92 7.23
CA LYS A 835 14.37 -27.84 6.78
C LYS A 835 13.07 -27.46 7.48
N TRP A 836 11.98 -27.42 6.72
CA TRP A 836 10.67 -27.10 7.27
C TRP A 836 10.06 -28.33 7.94
N VAL A 837 9.59 -28.16 9.17
CA VAL A 837 9.03 -29.24 9.96
C VAL A 837 7.65 -28.83 10.46
N ALA A 838 6.65 -29.67 10.24
CA ALA A 838 5.32 -29.45 10.77
C ALA A 838 5.32 -29.70 12.27
N LYS A 839 5.29 -28.63 13.06
CA LYS A 839 5.45 -28.73 14.50
C LYS A 839 4.19 -28.34 15.28
N TYR A 840 3.21 -27.74 14.64
CA TYR A 840 1.99 -27.31 15.30
C TYR A 840 0.78 -27.62 14.43
N PRO A 841 -0.40 -27.75 15.03
CA PRO A 841 -1.61 -27.84 14.22
C PRO A 841 -1.88 -26.51 13.54
N PRO A 842 -2.48 -26.53 12.35
CA PRO A 842 -2.62 -25.30 11.57
C PRO A 842 -3.76 -24.42 12.06
N CYS A 843 -3.56 -23.11 11.91
CA CYS A 843 -4.63 -22.15 12.12
C CYS A 843 -5.52 -22.08 10.90
N GLN A 844 -6.73 -21.56 11.09
CA GLN A 844 -7.73 -21.53 10.03
C GLN A 844 -8.17 -20.14 9.62
N LEU A 845 -7.85 -19.10 10.40
CA LEU A 845 -8.26 -17.74 10.09
C LEU A 845 -7.12 -16.81 10.49
N ILE A 846 -6.38 -16.33 9.49
CA ILE A 846 -5.32 -15.35 9.73
C ILE A 846 -5.98 -13.99 9.96
N LEU A 847 -5.95 -13.52 11.20
CA LEU A 847 -6.59 -12.26 11.56
C LEU A 847 -5.58 -11.13 11.44
N LEU A 848 -5.72 -10.31 10.40
CA LEU A 848 -4.84 -9.17 10.20
C LEU A 848 -5.42 -7.92 10.85
N ALA A 849 -4.70 -6.82 10.72
CA ALA A 849 -5.14 -5.53 11.25
C ALA A 849 -5.84 -4.73 10.16
N GLU A 850 -6.94 -4.08 10.52
CA GLU A 850 -7.62 -3.20 9.57
C GLU A 850 -6.78 -1.97 9.30
N LEU A 851 -6.66 -1.60 8.04
CA LEU A 851 -5.85 -0.47 7.63
C LEU A 851 -6.75 0.71 7.28
N SER A 852 -6.40 1.89 7.78
CA SER A 852 -7.15 3.10 7.53
C SER A 852 -6.18 4.24 7.26
N GLU A 853 -6.69 5.30 6.61
CA GLU A 853 -5.87 6.44 6.27
C GLU A 853 -5.62 7.33 7.49
N TYR A 854 -6.67 7.63 8.24
CA TYR A 854 -6.57 8.55 9.37
C TYR A 854 -5.96 7.86 10.59
N GLN A 855 -5.25 8.65 11.40
CA GLN A 855 -4.74 8.22 12.69
C GLN A 855 -4.99 9.32 13.70
N PHE A 856 -5.45 8.94 14.90
CA PHE A 856 -5.91 9.89 15.91
C PHE A 856 -5.43 9.43 17.28
N ASN A 857 -4.25 9.92 17.69
CA ASN A 857 -3.71 9.68 19.02
C ASN A 857 -3.58 8.19 19.32
N ASN A 858 -3.10 7.43 18.33
CA ASN A 858 -2.99 5.99 18.47
C ASN A 858 -1.51 5.62 18.36
N ASP A 859 -1.03 5.22 17.18
CA ASP A 859 0.34 4.77 17.04
C ASP A 859 1.33 5.90 17.29
N ARG A 860 2.45 5.57 17.91
CA ARG A 860 3.58 6.49 17.92
C ARG A 860 4.00 6.75 16.47
N PRO A 861 4.27 8.01 16.11
CA PRO A 861 4.41 8.39 14.68
C PRO A 861 5.27 7.44 13.87
N PRO A 862 6.51 7.07 14.32
CA PRO A 862 7.38 6.24 13.47
C PRO A 862 6.70 5.11 12.71
N SER A 863 5.84 4.35 13.37
CA SER A 863 5.14 3.25 12.70
C SER A 863 3.91 3.71 11.91
N GLU A 864 3.68 5.01 11.80
CA GLU A 864 2.60 5.52 10.97
C GLU A 864 3.04 6.77 10.22
N ASN A 865 3.76 7.67 10.91
CA ASN A 865 4.34 8.83 10.24
C ASN A 865 5.19 8.40 9.05
N ASN A 866 5.91 7.29 9.19
CA ASN A 866 6.60 6.69 8.06
C ASN A 866 5.57 6.24 7.02
N GLN A 867 5.48 6.97 5.90
CA GLN A 867 4.58 6.58 4.82
C GLN A 867 5.00 5.26 4.17
N LEU A 868 6.07 4.62 4.65
CA LEU A 868 6.45 3.29 4.18
C LEU A 868 5.62 2.20 4.82
N GLN A 870 2.50 2.14 5.59
CA GLN A 870 1.27 1.94 4.85
C GLN A 870 1.50 1.11 3.61
N TRP A 871 2.64 1.30 2.94
CA TRP A 871 2.99 0.44 1.82
C TRP A 871 3.18 -1.00 2.26
N SER A 872 3.82 -1.20 3.43
CA SER A 872 4.04 -2.55 3.93
C SER A 872 2.73 -3.24 4.26
N HIS A 873 1.87 -2.57 5.04
CA HIS A 873 0.60 -3.17 5.41
C HIS A 873 -0.29 -3.40 4.20
N ARG A 874 -0.21 -2.51 3.20
CA ARG A 874 -0.96 -2.73 1.97
C ARG A 874 -0.37 -3.87 1.15
N GLY A 875 0.95 -3.92 1.05
CA GLY A 875 1.58 -4.97 0.25
C GLY A 875 1.44 -6.35 0.84
N VAL A 876 1.49 -6.44 2.18
CA VAL A 876 1.34 -7.75 2.83
C VAL A 876 -0.08 -8.28 2.63
N PHE A 877 -1.08 -7.39 2.66
CA PHE A 877 -2.46 -7.83 2.48
C PHE A 877 -2.67 -8.45 1.11
N GLN A 878 -2.19 -7.78 0.06
CA GLN A 878 -2.38 -8.29 -1.30
C GLN A 878 -1.64 -9.60 -1.50
N GLU A 879 -0.43 -9.71 -0.97
CA GLU A 879 0.35 -10.93 -1.13
C GLU A 879 -0.15 -12.07 -0.25
N LEU A 880 -0.82 -11.76 0.85
CA LEU A 880 -1.38 -12.83 1.68
C LEU A 880 -2.61 -13.46 1.04
N ILE A 881 -3.44 -12.66 0.38
CA ILE A 881 -4.62 -13.20 -0.29
C ILE A 881 -4.22 -14.12 -1.43
N ASN A 882 -3.12 -13.80 -2.10
CA ASN A 882 -2.69 -14.60 -3.25
C ASN A 882 -2.08 -15.92 -2.81
N GLN A 883 -1.17 -15.87 -1.82
CA GLN A 883 -0.45 -17.08 -1.40
C GLN A 883 -1.32 -18.02 -0.58
N ALA A 884 -2.34 -17.50 0.11
CA ALA A 884 -3.20 -18.33 0.94
C ALA A 884 -4.36 -18.95 0.17
N GLN A 885 -4.54 -18.61 -1.11
CA GLN A 885 -5.60 -19.21 -1.89
C GLN A 885 -5.37 -20.71 -2.11
N VAL A 886 -4.11 -21.14 -2.07
CA VAL A 886 -3.81 -22.55 -2.31
C VAL A 886 -4.03 -23.37 -1.03
N HIS A 887 -3.66 -22.81 0.12
CA HIS A 887 -3.74 -23.52 1.40
C HIS A 887 -5.10 -23.43 2.06
N ASP A 888 -6.09 -22.83 1.38
CA ASP A 888 -7.44 -22.66 1.92
C ASP A 888 -7.44 -21.90 3.24
N LEU A 889 -6.50 -20.97 3.39
CA LEU A 889 -6.42 -20.15 4.59
C LEU A 889 -7.26 -18.90 4.42
N LEU A 890 -8.21 -18.69 5.33
CA LEU A 890 -9.04 -17.49 5.30
C LEU A 890 -8.23 -16.31 5.81
N VAL A 891 -8.11 -15.27 4.98
CA VAL A 891 -7.39 -14.07 5.35
C VAL A 891 -8.40 -12.98 5.69
N GLY A 892 -8.41 -12.56 6.96
CA GLY A 892 -9.34 -11.56 7.41
C GLY A 892 -8.64 -10.49 8.22
N THR A 893 -9.32 -9.36 8.37
CA THR A 893 -8.79 -8.22 9.10
C THR A 893 -9.74 -7.81 10.22
N TYR A 895 -10.52 -4.50 13.14
CA TYR A 895 -10.28 -3.08 13.37
C TYR A 895 -9.16 -2.90 14.38
N ALA A 896 -8.10 -2.21 13.97
CA ALA A 896 -6.87 -2.11 14.74
C ALA A 896 -6.68 -0.75 15.41
N ALA A 897 -7.70 0.10 15.40
CA ALA A 897 -7.58 1.40 16.05
C ALA A 897 -7.44 1.21 17.56
N PHE A 898 -6.37 1.79 18.12
CA PHE A 898 -6.09 1.72 19.56
C PHE A 898 -5.88 0.28 20.03
N SER A 899 -5.38 -0.58 19.14
CA SER A 899 -5.08 -1.95 19.51
C SER A 899 -3.82 -2.08 20.33
N SER A 900 -2.90 -1.11 20.24
CA SER A 900 -1.68 -1.11 21.02
C SER A 900 -1.76 -0.28 22.29
N ARG A 901 -2.80 0.56 22.43
CA ARG A 901 -2.92 1.43 23.58
C ARG A 901 -3.61 0.74 24.76
N PHE A 902 -4.55 -0.17 24.49
CA PHE A 902 -5.28 -0.87 25.53
C PHE A 902 -4.68 -2.25 25.78
N ASP A 903 -4.91 -2.75 27.00
CA ASP A 903 -4.43 -4.07 27.38
C ASP A 903 -5.38 -5.14 26.87
N ALA A 904 -4.82 -6.31 26.56
CA ALA A 904 -5.65 -7.41 26.08
C ALA A 904 -6.31 -8.16 27.23
N ARG A 905 -5.56 -8.40 28.31
CA ARG A 905 -6.10 -9.19 29.41
C ARG A 905 -7.00 -8.37 30.31
N THR A 906 -6.52 -7.21 30.78
CA THR A 906 -7.29 -6.38 31.70
C THR A 906 -8.18 -5.37 31.00
N GLY A 907 -7.81 -4.95 29.79
CA GLY A 907 -8.59 -3.97 29.06
C GLY A 907 -8.28 -2.52 29.39
N ALA A 908 -7.40 -2.28 30.36
CA ALA A 908 -7.07 -0.91 30.75
C ALA A 908 -6.02 -0.33 29.80
N PRO A 909 -6.10 0.97 29.49
CA PRO A 909 -5.11 1.59 28.61
C PRO A 909 -3.75 1.76 29.29
N GLY A 910 -2.77 2.27 28.56
CA GLY A 910 -1.45 2.47 29.12
C GLY A 910 -0.53 3.13 28.12
N ILE A 911 0.61 3.60 28.63
CA ILE A 911 1.63 4.25 27.82
C ILE A 911 2.69 3.21 27.46
N ARG A 912 3.34 3.42 26.33
CA ARG A 912 4.38 2.51 25.85
C ARG A 912 5.73 2.92 26.41
N CYS A 913 6.43 1.97 27.02
CA CYS A 913 7.71 2.22 27.66
C CYS A 913 8.69 1.11 27.28
N ARG A 914 9.93 1.25 27.73
CA ARG A 914 10.95 0.25 27.47
C ARG A 914 12.00 0.30 28.57
N ARG A 915 12.83 -0.74 28.62
CA ARG A 915 13.86 -0.85 29.64
C ARG A 915 15.07 0.00 29.26
N VAL A 916 16.09 -0.02 30.10
CA VAL A 916 17.31 0.76 29.89
C VAL A 916 18.52 -0.12 30.13
N PRO A 917 19.59 0.02 29.34
CA PRO A 917 20.84 -0.74 29.50
C PRO A 917 21.87 -0.01 30.33
N PRO A 930 21.55 7.81 23.46
CA PRO A 930 20.15 7.42 23.53
C PRO A 930 19.20 8.49 23.00
N TRP A 931 18.42 8.13 21.97
CA TRP A 931 17.51 9.10 21.37
C TRP A 931 16.34 9.44 22.28
N TRP A 932 15.87 8.47 23.07
CA TRP A 932 14.70 8.68 23.92
C TRP A 932 15.06 9.09 25.35
N LEU A 933 16.22 8.66 25.86
CA LEU A 933 16.52 8.88 27.27
C LEU A 933 16.89 10.33 27.53
N ASN A 934 17.68 10.94 26.63
CA ASN A 934 18.06 12.34 26.81
C ASN A 934 16.84 13.25 26.79
N LYS A 935 15.89 12.98 25.91
CA LYS A 935 14.64 13.74 25.91
C LYS A 935 13.77 13.39 27.10
N PHE A 936 13.94 12.21 27.70
CA PHE A 936 13.19 11.86 28.89
C PHE A 936 13.69 12.61 30.11
N VAL A 937 14.95 13.03 30.10
CA VAL A 937 15.49 13.80 31.23
C VAL A 937 15.17 15.28 31.08
N VAL A 938 15.11 15.79 29.85
CA VAL A 938 14.73 17.18 29.63
C VAL A 938 13.30 17.42 30.09
N GLU A 939 12.44 16.42 29.99
CA GLU A 939 11.06 16.58 30.43
C GLU A 939 10.94 16.59 31.95
N HIS A 940 11.71 15.73 32.63
CA HIS A 940 11.51 15.50 34.06
C HIS A 940 12.69 15.96 34.92
N THR A 941 13.72 16.55 34.33
CA THR A 941 14.88 17.10 35.05
C THR A 941 15.48 16.05 36.00
N LEU A 942 15.91 14.93 35.41
CA LEU A 942 16.46 13.81 36.16
C LEU A 942 17.98 13.71 36.04
N ASP A 943 18.65 14.82 35.76
CA ASP A 943 20.11 14.79 35.61
C ASP A 943 20.82 14.50 36.92
N ALA A 944 20.18 14.75 38.06
CA ALA A 944 20.85 14.56 39.35
C ALA A 944 20.77 13.12 39.83
N CYS A 945 19.59 12.53 39.78
CA CYS A 945 19.40 11.19 40.35
C CYS A 945 19.90 10.12 39.39
N PRO A 946 20.65 9.14 39.88
CA PRO A 946 21.01 7.99 39.05
C PRO A 946 19.87 6.97 39.02
N LEU A 947 20.08 5.93 38.20
CA LEU A 947 19.07 4.89 38.06
C LEU A 947 19.75 3.57 37.74
N ARG A 948 19.19 2.49 38.30
CA ARG A 948 19.65 1.15 37.99
C ARG A 948 19.03 0.67 36.69
N ALA A 949 19.67 -0.32 36.07
CA ALA A 949 19.22 -0.82 34.79
C ALA A 949 17.84 -1.49 34.93
N ASP A 950 17.19 -1.68 33.79
CA ASP A 950 15.88 -2.33 33.72
C ASP A 950 14.82 -1.55 34.50
N ASP A 951 14.87 -0.23 34.38
CA ASP A 951 13.84 0.64 34.94
C ASP A 951 12.94 1.14 33.83
N LEU A 952 11.63 1.08 34.05
CA LEU A 952 10.67 1.44 33.01
C LEU A 952 10.75 2.93 32.71
N ILE A 953 10.88 3.25 31.43
CA ILE A 953 10.93 4.64 30.98
C ILE A 953 10.03 4.81 29.76
N PRO A 954 8.99 5.65 29.83
CA PRO A 954 8.13 5.84 28.66
C PRO A 954 8.80 6.65 27.59
N THR A 955 8.67 6.20 26.34
CA THR A 955 9.29 6.85 25.19
C THR A 955 8.31 7.24 24.10
N GLY A 956 7.08 6.73 24.13
CA GLY A 956 6.16 6.90 23.02
C GLY A 956 6.14 5.68 22.14
N GLU A 957 7.30 5.30 21.62
CA GLU A 957 7.47 4.03 20.91
C GLU A 957 8.15 3.01 21.83
N GLY A 958 7.50 2.77 22.96
CA GLY A 958 8.08 1.85 23.93
C GLY A 958 8.14 0.43 23.39
N GLU A 959 9.19 -0.28 23.78
CA GLU A 959 9.34 -1.67 23.33
C GLU A 959 8.32 -2.58 23.99
N ILE A 960 7.99 -2.30 25.26
CA ILE A 960 7.03 -3.10 26.00
C ILE A 960 5.81 -2.25 26.31
N PHE A 961 4.69 -2.91 26.60
CA PHE A 961 3.45 -2.26 26.97
C PHE A 961 3.21 -2.43 28.46
N VAL A 962 2.81 -1.34 29.10
CA VAL A 962 2.52 -1.34 30.53
C VAL A 962 1.13 -0.77 30.75
N SER A 963 0.44 -1.30 31.76
CA SER A 963 -0.93 -0.90 32.04
C SER A 963 -1.24 -1.14 33.51
N PRO A 964 -2.04 -0.27 34.14
CA PRO A 964 -2.40 -0.49 35.54
C PRO A 964 -3.43 -1.62 35.67
N PHE A 965 -3.22 -2.47 36.67
CA PHE A 965 -4.11 -3.58 36.93
C PHE A 965 -5.26 -3.20 37.87
N SER A 966 -4.97 -2.36 38.86
CA SER A 966 -5.98 -1.93 39.83
C SER A 966 -5.76 -0.46 40.14
N ALA A 967 -6.40 0.02 41.21
CA ALA A 967 -6.27 1.41 41.60
C ALA A 967 -4.98 1.69 42.36
N GLU A 968 -4.29 0.65 42.84
CA GLU A 968 -3.04 0.83 43.58
C GLU A 968 -1.98 1.39 42.63
N GLU A 969 -1.56 2.63 42.86
CA GLU A 969 -0.47 3.19 42.08
C GLU A 969 0.83 2.48 42.42
N GLY A 970 1.63 2.22 41.39
CA GLY A 970 2.87 1.48 41.53
C GLY A 970 2.79 0.05 41.06
N ASP A 971 1.60 -0.55 41.05
CA ASP A 971 1.40 -1.91 40.59
C ASP A 971 0.85 -1.86 39.16
N PHE A 972 1.63 -2.38 38.21
CA PHE A 972 1.29 -2.35 36.80
C PHE A 972 1.30 -3.76 36.23
N HIS A 973 0.85 -3.88 34.98
CA HIS A 973 0.84 -5.13 34.24
C HIS A 973 1.66 -4.95 32.98
N GLN A 974 2.79 -5.63 32.90
CA GLN A 974 3.72 -5.49 31.79
C GLN A 974 3.55 -6.64 30.80
N ILE A 975 3.70 -6.33 29.51
CA ILE A 975 3.57 -7.32 28.45
C ILE A 975 4.21 -6.73 27.21
N HIS A 976 4.70 -7.60 26.34
CA HIS A 976 5.31 -7.15 25.09
C HIS A 976 4.32 -6.32 24.28
N ALA A 977 4.76 -5.14 23.83
CA ALA A 977 3.85 -4.18 23.22
C ALA A 977 3.27 -4.72 21.91
N ASP A 978 4.13 -5.28 21.05
CA ASP A 978 3.66 -5.77 19.77
C ASP A 978 2.79 -7.02 19.91
N LEU A 979 3.08 -7.86 20.92
CA LEU A 979 2.27 -9.05 21.12
C LEU A 979 0.95 -8.73 21.83
N ASN A 980 0.92 -7.67 22.63
CA ASN A 980 -0.34 -7.27 23.26
C ASN A 980 -1.32 -6.72 22.23
N ALA A 981 -0.82 -6.04 21.19
CA ALA A 981 -1.71 -5.57 20.14
C ALA A 981 -2.24 -6.72 19.29
N ALA A 982 -1.44 -7.78 19.12
CA ALA A 982 -1.92 -8.94 18.39
C ALA A 982 -3.00 -9.67 19.18
N GLN A 983 -2.75 -9.92 20.47
CA GLN A 983 -3.75 -10.55 21.32
C GLN A 983 -4.99 -9.66 21.50
N ASN A 984 -4.84 -8.35 21.33
CA ASN A 984 -6.00 -7.47 21.42
C ASN A 984 -6.93 -7.65 20.22
N LEU A 985 -6.35 -7.88 19.04
CA LEU A 985 -7.17 -8.18 17.86
C LEU A 985 -7.97 -9.47 18.08
N GLN A 986 -7.40 -10.44 18.79
CA GLN A 986 -8.13 -11.67 19.06
C GLN A 986 -9.30 -11.42 20.00
N GLN A 987 -9.09 -10.60 21.04
CA GLN A 987 -10.19 -10.26 21.93
C GLN A 987 -11.29 -9.53 21.18
N ARG A 988 -10.93 -8.72 20.19
CA ARG A 988 -11.91 -8.05 19.36
C ARG A 988 -12.62 -9.03 18.43
N LEU A 989 -12.02 -10.18 18.16
CA LEU A 989 -12.62 -11.14 17.23
C LEU A 989 -13.73 -11.95 17.89
N TRP A 990 -13.51 -12.39 19.14
CA TRP A 990 -14.48 -13.23 19.83
C TRP A 990 -15.56 -12.44 20.56
N SER A 991 -15.44 -11.11 20.63
CA SER A 991 -16.40 -10.28 21.35
C SER A 991 -17.20 -9.36 20.43
N ASP A 992 -16.99 -9.43 19.13
CA ASP A 992 -17.64 -8.53 18.16
C ASP A 992 -17.42 -7.07 18.56
N PHE A 993 -16.14 -6.71 18.68
CA PHE A 993 -15.79 -5.38 19.17
C PHE A 993 -16.16 -4.31 18.15
N ASP A 994 -16.57 -3.16 18.67
CA ASP A 994 -16.79 -1.96 17.87
C ASP A 994 -16.14 -0.78 18.58
N ILE A 995 -15.69 0.19 17.80
CA ILE A 995 -15.00 1.34 18.38
C ILE A 995 -15.92 2.19 19.24
N SER A 996 -17.24 2.08 19.03
CA SER A 996 -18.20 2.80 19.87
C SER A 996 -18.08 2.40 21.34
N GLN A 997 -17.56 1.21 21.62
CA GLN A 997 -17.34 0.80 23.01
C GLN A 997 -16.21 1.59 23.67
N ILE A 998 -15.35 2.23 22.88
CA ILE A 998 -14.22 2.98 23.41
C ILE A 998 -14.32 4.43 22.97
N ARG A 999 -14.14 4.69 21.69
CA ARG A 999 -14.13 6.05 21.17
C ARG A 999 -15.52 6.46 20.72
N LEU A 1000 -15.75 7.78 20.72
CA LEU A 1000 -17.01 8.34 20.26
C LEU A 1000 -16.87 9.83 19.99
N ARG A 1001 -17.23 10.27 18.79
CA ARG A 1001 -17.21 11.69 18.43
C ARG A 1001 -18.62 12.24 18.55
N CYS A 1002 -18.77 13.31 19.32
CA CYS A 1002 -20.07 13.93 19.55
C CYS A 1002 -20.05 15.36 19.03
N ASP A 1003 -21.24 15.94 18.90
CA ASP A 1003 -21.41 17.32 18.49
C ASP A 1003 -22.10 18.12 19.59
N TRP A 1004 -21.72 19.38 19.71
CA TRP A 1004 -22.34 20.27 20.69
C TRP A 1004 -23.73 20.65 20.23
N GLY A 1005 -24.75 20.15 20.91
CA GLY A 1005 -26.13 20.48 20.63
C GLY A 1005 -26.79 21.18 21.80
N GLU A 1006 -28.08 21.46 21.63
CA GLU A 1006 -28.90 22.10 22.66
C GLU A 1006 -30.22 21.32 22.76
N VAL A 1007 -30.12 20.09 23.24
CA VAL A 1007 -31.29 19.24 23.42
C VAL A 1007 -31.84 19.46 24.83
N ASP A 1008 -33.12 19.85 24.91
CA ASP A 1008 -33.81 20.07 26.18
C ASP A 1008 -33.13 21.17 27.01
N GLY A 1009 -32.79 22.27 26.34
CA GLY A 1009 -32.28 23.44 27.03
C GLY A 1009 -30.78 23.47 27.22
N GLU A 1010 -30.22 22.46 27.86
CA GLU A 1010 -28.80 22.46 28.20
C GLU A 1010 -27.94 22.31 26.94
N LEU A 1011 -26.68 22.73 27.07
CA LEU A 1011 -25.71 22.63 25.98
C LEU A 1011 -25.02 21.28 26.08
N VAL A 1012 -25.75 20.24 25.66
CA VAL A 1012 -25.28 18.87 25.77
C VAL A 1012 -24.59 18.42 24.49
N LEU A 1013 -23.97 17.25 24.54
CA LEU A 1013 -23.33 16.67 23.36
C LEU A 1013 -24.29 15.75 22.63
N ILE A 1014 -24.11 15.65 21.32
CA ILE A 1014 -24.92 14.79 20.45
C ILE A 1014 -23.99 13.85 19.71
N PRO A 1015 -24.09 12.54 19.93
CA PRO A 1015 -23.17 11.61 19.25
C PRO A 1015 -23.38 11.61 17.74
N ARG A 1016 -22.37 11.10 17.03
CA ARG A 1016 -22.39 11.02 15.58
C ARG A 1016 -22.49 9.55 15.16
N LEU A 1017 -23.34 9.29 14.16
CA LEU A 1017 -23.67 7.93 13.74
C LEU A 1017 -22.74 7.51 12.60
N THR A 1018 -21.54 7.09 12.98
CA THR A 1018 -20.55 6.58 12.03
C THR A 1018 -20.55 5.06 12.12
N GLY A 1019 -21.22 4.42 11.18
CA GLY A 1019 -21.38 2.98 11.22
C GLY A 1019 -22.71 2.57 11.79
N LYS A 1020 -23.29 1.50 11.26
CA LYS A 1020 -24.61 1.06 11.72
C LYS A 1020 -24.58 0.55 13.16
N ARG A 1021 -23.48 -0.08 13.56
CA ARG A 1021 -23.41 -0.66 14.90
C ARG A 1021 -23.20 0.42 15.96
N THR A 1022 -22.43 1.46 15.65
CA THR A 1022 -22.28 2.59 16.57
C THR A 1022 -23.62 3.27 16.82
N ALA A 1023 -24.50 3.27 15.83
CA ALA A 1023 -25.79 3.94 15.94
C ALA A 1023 -26.77 3.20 16.83
N ASP A 1024 -26.63 1.87 16.95
CA ASP A 1024 -27.64 1.09 17.68
C ASP A 1024 -27.68 1.44 19.15
N SER A 1025 -26.51 1.68 19.78
CA SER A 1025 -26.43 1.87 21.21
C SER A 1025 -26.37 3.34 21.63
N TYR A 1026 -26.17 4.26 20.69
CA TYR A 1026 -26.07 5.68 21.02
C TYR A 1026 -26.96 6.51 20.09
N SER A 1027 -28.12 5.98 19.73
CA SER A 1027 -29.07 6.71 18.90
C SER A 1027 -29.74 7.82 19.72
N ASN A 1028 -30.62 7.42 20.64
CA ASN A 1028 -31.38 8.35 21.45
C ASN A 1028 -30.57 8.97 22.58
N LYS A 1029 -29.39 8.43 22.88
CA LYS A 1029 -28.62 8.91 24.02
C LYS A 1029 -27.96 10.25 23.72
N VAL A 1030 -27.66 10.98 24.79
CA VAL A 1030 -27.05 12.30 24.71
C VAL A 1030 -26.16 12.49 25.93
N PHE A 1031 -24.99 13.08 25.71
CA PHE A 1031 -23.98 13.22 26.75
C PHE A 1031 -23.98 14.64 27.31
N TYR A 1032 -24.01 14.76 28.63
CA TYR A 1032 -23.94 16.05 29.32
C TYR A 1032 -22.74 16.06 30.24
N THR A 1033 -22.46 17.23 30.81
CA THR A 1033 -21.29 17.39 31.68
C THR A 1033 -21.53 18.54 32.63
N ASN A 1034 -20.71 18.58 33.68
CA ASN A 1034 -20.68 19.69 34.62
C ASN A 1034 -19.29 20.32 34.77
N THR A 1035 -18.23 19.62 34.40
CA THR A 1035 -16.88 20.15 34.45
C THR A 1035 -16.25 20.33 33.08
N GLY A 1036 -16.63 19.50 32.09
CA GLY A 1036 -16.09 19.56 30.76
C GLY A 1036 -15.07 18.48 30.44
N VAL A 1037 -14.57 17.78 31.45
CA VAL A 1037 -13.53 16.78 31.24
C VAL A 1037 -14.14 15.39 31.35
N THR A 1038 -15.17 15.27 32.18
CA THR A 1038 -15.87 14.01 32.39
C THR A 1038 -17.32 14.15 31.93
N TYR A 1039 -17.77 13.21 31.12
CA TYR A 1039 -19.09 13.27 30.50
C TYR A 1039 -19.94 12.07 30.92
N TYR A 1040 -21.23 12.32 31.10
CA TYR A 1040 -22.21 11.30 31.43
C TYR A 1040 -23.34 11.35 30.41
N GLU A 1041 -23.98 10.21 30.20
CA GLU A 1041 -25.02 10.09 29.18
C GLU A 1041 -26.41 10.10 29.81
N ARG A 1042 -27.35 10.76 29.14
CA ARG A 1042 -28.74 10.78 29.53
C ARG A 1042 -29.61 10.43 28.32
N GLU A 1043 -30.76 9.84 28.59
CA GLU A 1043 -31.67 9.44 27.51
C GLU A 1043 -32.98 10.22 27.58
N GLU A 1067 -17.43 6.73 4.09
CA GLU A 1067 -17.17 7.63 5.20
C GLU A 1067 -15.67 7.79 5.44
N ALA A 1068 -15.23 7.45 6.66
CA ALA A 1068 -13.84 7.57 7.09
C ALA A 1068 -13.32 9.01 7.00
N ASP A 1069 -14.23 9.99 6.91
CA ASP A 1069 -13.88 11.39 6.89
C ASP A 1069 -14.12 12.01 8.26
N GLU A 1070 -13.22 12.90 8.67
CA GLU A 1070 -13.28 13.49 10.00
C GLU A 1070 -13.06 14.98 9.93
N ALA A 1071 -14.03 15.75 10.39
CA ALA A 1071 -13.88 17.20 10.57
C ALA A 1071 -13.53 17.48 12.03
N ARG A 1072 -12.56 18.36 12.24
CA ARG A 1072 -11.95 18.54 13.54
C ARG A 1072 -12.40 19.83 14.21
N GLU A 1073 -12.27 19.83 15.54
CA GLU A 1073 -12.37 21.02 16.39
C GLU A 1073 -13.78 21.62 16.45
N LYS A 1074 -14.70 21.14 15.60
CA LYS A 1074 -16.08 21.62 15.72
C LYS A 1074 -16.71 21.19 17.03
N SER A 1075 -16.35 20.02 17.53
CA SER A 1075 -16.80 19.55 18.83
C SER A 1075 -15.74 18.60 19.38
N VAL A 1076 -15.96 18.12 20.59
CA VAL A 1076 -14.94 17.40 21.32
C VAL A 1076 -15.19 15.89 21.22
N VAL A 1077 -14.11 15.12 21.43
CA VAL A 1077 -14.15 13.66 21.38
C VAL A 1077 -13.93 13.13 22.79
N LEU A 1078 -14.62 12.04 23.13
CA LEU A 1078 -14.51 11.44 24.45
C LEU A 1078 -14.32 9.94 24.34
N ARG A 1080 -13.38 6.08 26.90
CA ARG A 1080 -13.74 5.42 28.14
C ARG A 1080 -12.77 4.28 28.41
N ASP A 1081 -12.69 3.87 29.68
CA ASP A 1081 -11.88 2.74 30.11
C ASP A 1081 -12.79 1.57 30.46
N PRO A 1082 -12.61 0.41 29.82
CA PRO A 1082 -13.52 -0.72 30.12
C PRO A 1082 -13.34 -1.29 31.52
N SER A 1083 -12.14 -1.22 32.09
CA SER A 1083 -11.88 -1.82 33.39
C SER A 1083 -12.31 -0.94 34.55
N GLY A 1084 -12.84 0.25 34.29
CA GLY A 1084 -13.25 1.13 35.37
C GLY A 1084 -12.12 1.65 36.22
N ILE A 1085 -10.91 1.72 35.68
CA ILE A 1085 -9.74 2.18 36.43
C ILE A 1085 -9.59 3.69 36.23
N ILE A 1086 -9.43 4.11 34.99
CA ILE A 1086 -9.25 5.52 34.68
C ILE A 1086 -10.61 6.22 34.72
N ASN A 1087 -10.74 7.18 35.63
CA ASN A 1087 -11.99 7.95 35.80
C ASN A 1087 -13.17 7.04 36.10
N ARG A 1088 -12.93 5.93 36.81
CA ARG A 1088 -13.95 4.96 37.16
C ARG A 1088 -14.69 4.43 35.93
N GLY A 1089 -14.02 4.42 34.78
CA GLY A 1089 -14.64 3.94 33.56
C GLY A 1089 -15.75 4.82 33.03
N ASN A 1090 -15.58 6.14 33.13
CA ASN A 1090 -16.56 7.10 32.62
C ASN A 1090 -16.07 7.70 31.31
N TRP A 1091 -16.97 8.38 30.62
CA TRP A 1091 -16.63 9.05 29.37
C TRP A 1091 -15.79 10.29 29.67
N THR A 1092 -14.51 10.23 29.33
CA THR A 1092 -13.57 11.31 29.57
C THR A 1092 -13.12 11.91 28.24
N ARG A 1093 -12.93 13.22 28.21
CA ARG A 1093 -12.46 13.89 27.01
C ARG A 1093 -11.13 13.29 26.53
N GLN A 1094 -10.89 13.39 25.23
CA GLN A 1094 -9.74 12.72 24.63
C GLN A 1094 -8.43 13.16 25.26
N LYS A 1095 -8.18 14.46 25.30
CA LYS A 1095 -6.93 14.96 25.87
C LYS A 1095 -6.84 14.66 27.36
N GLU A 1096 -7.95 14.83 28.08
CA GLU A 1096 -7.93 14.63 29.52
C GLU A 1096 -7.82 13.15 29.88
N PHE A 1097 -8.28 12.25 29.01
CA PHE A 1097 -8.25 10.83 29.31
C PHE A 1097 -6.83 10.28 29.20
N TRP A 1098 -6.12 10.63 28.11
CA TRP A 1098 -4.77 10.11 27.93
C TRP A 1098 -3.78 10.74 28.88
N SER A 1099 -3.97 12.02 29.23
CA SER A 1099 -3.14 12.62 30.27
C SER A 1099 -3.41 11.99 31.63
N VAL A 1101 -4.20 8.78 31.98
CA VAL A 1101 -3.50 7.51 31.92
C VAL A 1101 -1.99 7.73 32.06
N ASN A 1102 -1.46 8.77 31.42
CA ASN A 1102 -0.03 9.07 31.54
C ASN A 1102 0.33 9.48 32.96
N GLN A 1103 -0.57 10.19 33.66
CA GLN A 1103 -0.31 10.56 35.04
C GLN A 1103 -0.28 9.35 35.97
N ARG A 1104 -0.95 8.25 35.59
CA ARG A 1104 -0.95 7.06 36.41
C ARG A 1104 0.38 6.30 36.30
N ILE A 1105 0.79 5.99 35.07
CA ILE A 1105 2.00 5.20 34.87
C ILE A 1105 3.24 6.08 35.00
N GLU A 1106 3.39 7.05 34.10
CA GLU A 1106 4.56 7.92 34.13
C GLU A 1106 4.66 8.71 35.42
N GLY A 1107 3.55 8.92 36.12
CA GLY A 1107 3.60 9.60 37.40
C GLY A 1107 4.34 8.79 38.45
N TYR A 1108 4.08 7.48 38.51
CA TYR A 1108 4.69 6.65 39.55
C TYR A 1108 6.16 6.39 39.25
N LEU A 1109 6.45 5.82 38.07
CA LEU A 1109 7.81 5.35 37.80
C LEU A 1109 8.83 6.47 37.77
N VAL A 1110 8.40 7.72 37.69
CA VAL A 1110 9.31 8.85 37.87
C VAL A 1110 9.37 9.28 39.33
N LYS A 1111 8.24 9.22 40.03
CA LYS A 1111 8.25 9.47 41.48
C LYS A 1111 9.10 8.45 42.22
N GLN A 1112 9.33 7.29 41.63
CA GLN A 1112 10.20 6.27 42.20
C GLN A 1112 11.65 6.45 41.79
N ILE A 1113 11.95 7.43 40.94
CA ILE A 1113 13.32 7.73 40.52
C ILE A 1113 13.92 8.87 41.32
N ARG A 1114 13.19 9.98 41.45
CA ARG A 1114 13.70 11.11 42.23
C ARG A 1114 13.84 10.75 43.70
N SER A 1115 12.95 9.92 44.22
CA SER A 1115 13.01 9.52 45.63
C SER A 1115 13.71 8.18 45.79
#